data_4QFO
#
_entry.id   4QFO
#
_cell.length_a   100.403
_cell.length_b   100.403
_cell.length_c   106.931
_cell.angle_alpha   90.00
_cell.angle_beta   90.00
_cell.angle_gamma   120.00
#
_symmetry.space_group_name_H-M   'P 32'
#
loop_
_entity.id
_entity.type
_entity.pdbx_description
1 polymer 'ABC transporter periplasmic peptide-binding protein'
2 non-polymer METHIONINE
3 non-polymer LEUCINE
4 non-polymer GLYCEROL
5 water water
#
_entity_poly.entity_id   1
_entity_poly.type   'polypeptide(L)'
_entity_poly.pdbx_seq_one_letter_code
;MHKLLLALLSLSLVGCIDSKEEILEEKNQGLVYCAEANPVSFNPQVTTTGSTIDIIANQLYDRLISIDPVTAEFKSELAT
DWKISKDGKSVTFTLRKGVKFHTTAYFTPTREFNADDVIFTFSRLFDVYNPYHFVGDANYPYFQSVGIDQLIRKIVRVSD
HQVRFELFNAESSFLANMATDFAVVLSKEYAMALKANNQENLFDQYPVGTGPYIYKEYRRDHLVRFYKNADYWKHEVALE
QLVYDITPNGTTRIAKILTKECDVTAHPSSAQLSILAQRDDINVERETNLNIGYWAFNTERPPFDNLKVRQALVHAIDIE
KIMQAVYYGNGLRARSILPPTSWAFEPQKNMPIFDPQLAKKLLTEAGYEKGFDMSIWAMPVSRIYNPNARKMAELMQSDL
RKIGVNVNIVEYEWNTFIQRIGEHRHDSVLLGWAADTPDPDNFFSPLLSCTATFSGKNPANWCNPEFDLLLTKALDTTDL
NLRKQYYDAAQSMIIEQLPLYPIAHGMRFQASSADVEGITLGPFGAISLANARKKHHHHHH
;
_entity_poly.pdbx_strand_id   A,B
#
loop_
_chem_comp.id
_chem_comp.type
_chem_comp.name
_chem_comp.formula
GOL non-polymer GLYCEROL 'C3 H8 O3'
#
# COMPACT_ATOMS: atom_id res chain seq x y z
N GLN A 29 -26.64 19.62 7.13
CA GLN A 29 -26.03 18.39 7.61
C GLN A 29 -24.72 18.68 8.39
N GLY A 30 -24.33 17.75 9.25
CA GLY A 30 -23.12 17.91 10.04
C GLY A 30 -22.31 16.62 10.06
N LEU A 31 -21.11 16.68 10.61
CA LEU A 31 -20.27 15.49 10.70
C LEU A 31 -19.49 15.48 12.01
N VAL A 32 -19.46 14.32 12.66
CA VAL A 32 -18.78 14.17 13.92
C VAL A 32 -17.60 13.23 13.70
N TYR A 33 -16.40 13.75 13.94
CA TYR A 33 -15.17 13.01 13.82
C TYR A 33 -14.62 12.71 15.22
N CYS A 34 -14.45 11.43 15.54
CA CYS A 34 -13.82 10.98 16.77
C CYS A 34 -12.30 11.05 16.70
N ALA A 35 -11.72 11.97 17.45
CA ALA A 35 -10.30 12.24 17.35
C ALA A 35 -9.61 11.62 18.55
N GLU A 36 -8.34 11.27 18.37
CA GLU A 36 -7.64 10.51 19.40
C GLU A 36 -7.03 11.41 20.48
N ALA A 37 -6.95 12.70 20.22
CA ALA A 37 -6.29 13.58 21.17
C ALA A 37 -6.69 15.05 21.06
N ASN A 38 -6.48 15.75 22.17
CA ASN A 38 -6.68 17.19 22.26
C ASN A 38 -5.68 17.97 21.41
N PRO A 39 -6.19 18.94 20.61
CA PRO A 39 -5.32 19.80 19.79
C PRO A 39 -4.50 20.70 20.69
N VAL A 40 -3.19 20.78 20.46
CA VAL A 40 -2.32 21.61 21.31
C VAL A 40 -2.29 23.05 20.85
N SER A 41 -2.76 23.31 19.63
CA SER A 41 -2.78 24.67 19.11
C SER A 41 -3.76 24.73 17.95
N PHE A 42 -4.12 25.94 17.53
CA PHE A 42 -4.90 26.12 16.31
C PHE A 42 -4.04 26.68 15.20
N ASN A 43 -2.74 26.69 15.41
CA ASN A 43 -1.79 27.04 14.38
C ASN A 43 -0.81 25.89 14.15
N PRO A 44 -0.86 25.25 12.97
CA PRO A 44 -0.02 24.09 12.59
C PRO A 44 1.48 24.36 12.71
N GLN A 45 1.87 25.62 12.59
CA GLN A 45 3.26 26.03 12.65
C GLN A 45 3.95 25.66 13.95
N VAL A 46 3.18 25.52 15.05
CA VAL A 46 3.80 25.35 16.36
C VAL A 46 3.88 23.88 16.83
N THR A 47 3.64 22.94 15.92
CA THR A 47 3.61 21.52 16.31
C THR A 47 4.01 20.59 15.17
N THR A 48 4.35 19.34 15.51
CA THR A 48 4.50 18.27 14.53
C THR A 48 3.58 17.11 14.86
N THR A 49 2.67 17.33 15.79
CA THR A 49 1.80 16.26 16.28
C THR A 49 0.59 16.07 15.38
N GLY A 50 0.47 14.87 14.80
CA GLY A 50 -0.55 14.60 13.80
C GLY A 50 -1.97 14.71 14.30
N SER A 51 -2.18 14.46 15.58
CA SER A 51 -3.51 14.53 16.17
C SER A 51 -4.02 15.95 16.08
N THR A 52 -3.10 16.90 16.24
CA THR A 52 -3.45 18.31 16.09
C THR A 52 -3.69 18.70 14.65
N ILE A 53 -2.73 18.34 13.80
CA ILE A 53 -2.77 18.66 12.37
C ILE A 53 -4.03 18.11 11.70
N ASP A 54 -4.41 16.90 12.08
CA ASP A 54 -5.58 16.26 11.52
C ASP A 54 -6.83 17.08 11.78
N ILE A 55 -6.90 17.73 12.93
CA ILE A 55 -8.05 18.51 13.28
C ILE A 55 -8.09 19.84 12.54
N ILE A 56 -6.95 20.53 12.45
CA ILE A 56 -6.95 21.94 12.06
C ILE A 56 -6.52 22.26 10.62
N ALA A 57 -5.56 21.54 10.08
CA ALA A 57 -4.78 22.02 8.95
C ALA A 57 -5.59 22.20 7.68
N ASN A 58 -6.20 21.12 7.19
CA ASN A 58 -6.95 21.19 5.93
C ASN A 58 -8.35 21.75 6.11
N GLN A 59 -8.82 21.80 7.36
CA GLN A 59 -10.15 22.31 7.64
C GLN A 59 -10.18 23.86 7.75
N LEU A 60 -9.20 24.44 8.43
CA LEU A 60 -9.23 25.89 8.71
C LEU A 60 -8.46 26.72 7.69
N TYR A 61 -7.51 26.07 7.02
CA TYR A 61 -6.48 26.77 6.25
C TYR A 61 -6.33 26.26 4.83
N ASP A 62 -5.54 27.00 4.06
CA ASP A 62 -5.03 26.52 2.79
C ASP A 62 -3.51 26.72 2.79
N ARG A 63 -2.82 25.98 1.94
CA ARG A 63 -1.41 26.19 1.73
C ARG A 63 -1.26 26.96 0.42
N LEU A 64 -0.03 27.34 0.09
CA LEU A 64 0.29 27.88 -1.23
C LEU A 64 0.13 26.81 -2.30
N ILE A 65 0.63 25.62 -1.99
CA ILE A 65 0.56 24.49 -2.91
C ILE A 65 0.40 23.20 -2.12
N SER A 66 0.02 22.13 -2.83
CA SER A 66 -0.04 20.81 -2.21
C SER A 66 0.56 19.77 -3.15
N ILE A 67 0.69 18.55 -2.64
CA ILE A 67 1.19 17.44 -3.44
C ILE A 67 0.05 16.46 -3.59
N ASP A 68 -0.25 16.09 -4.83
CA ASP A 68 -1.35 15.20 -5.16
C ASP A 68 -1.09 13.79 -4.60
N PRO A 69 -2.07 13.24 -3.86
CA PRO A 69 -1.89 11.94 -3.20
C PRO A 69 -1.71 10.77 -4.18
N VAL A 70 -2.27 10.82 -5.39
CA VAL A 70 -2.06 9.71 -6.32
C VAL A 70 -0.91 9.86 -7.32
N THR A 71 -0.57 11.09 -7.69
CA THR A 71 0.51 11.30 -8.68
C THR A 71 1.80 11.85 -8.06
N ALA A 72 1.67 12.45 -6.88
CA ALA A 72 2.80 13.08 -6.19
C ALA A 72 3.30 14.32 -6.93
N GLU A 73 2.47 14.90 -7.77
CA GLU A 73 2.86 16.12 -8.46
C GLU A 73 2.37 17.32 -7.65
N PHE A 74 3.06 18.44 -7.79
CA PHE A 74 2.65 19.66 -7.13
C PHE A 74 1.37 20.19 -7.77
N LYS A 75 0.51 20.75 -6.94
CA LYS A 75 -0.78 21.24 -7.39
C LYS A 75 -1.08 22.62 -6.79
N SER A 76 -1.67 23.49 -7.61
CA SER A 76 -2.06 24.83 -7.20
C SER A 76 -3.02 24.84 -5.99
N GLU A 77 -2.77 25.75 -5.05
CA GLU A 77 -3.75 26.05 -4.02
C GLU A 77 -3.99 27.54 -3.82
N LEU A 78 -3.18 28.21 -3.03
CA LEU A 78 -3.34 29.64 -2.88
C LEU A 78 -2.35 30.30 -3.86
N ALA A 79 -1.36 29.52 -4.32
CA ALA A 79 -0.49 29.95 -5.41
C ALA A 79 -0.97 29.30 -6.69
N THR A 80 -1.15 30.10 -7.74
CA THR A 80 -1.66 29.63 -9.02
C THR A 80 -0.52 29.18 -9.92
N ASP A 81 0.70 29.49 -9.51
CA ASP A 81 1.87 29.37 -10.36
C ASP A 81 3.10 29.54 -9.45
N TRP A 82 4.14 28.75 -9.69
CA TRP A 82 5.41 28.87 -8.96
C TRP A 82 6.54 28.64 -9.94
N LYS A 83 7.64 29.37 -9.77
CA LYS A 83 8.75 29.22 -10.70
C LYS A 83 10.06 29.21 -9.92
N ILE A 84 10.90 28.23 -10.22
CA ILE A 84 12.23 28.17 -9.62
C ILE A 84 13.26 28.70 -10.60
N SER A 85 14.06 29.66 -10.14
CA SER A 85 15.14 30.23 -10.95
C SER A 85 16.12 29.15 -11.36
N LYS A 86 16.95 29.47 -12.34
CA LYS A 86 17.92 28.52 -12.89
C LYS A 86 18.86 27.99 -11.82
N ASP A 87 19.35 28.89 -10.96
CA ASP A 87 20.31 28.48 -9.95
C ASP A 87 19.61 27.91 -8.71
N GLY A 88 18.29 27.91 -8.74
CA GLY A 88 17.51 27.27 -7.70
C GLY A 88 17.42 28.02 -6.39
N LYS A 89 17.80 29.30 -6.41
CA LYS A 89 17.81 30.10 -5.19
C LYS A 89 16.70 31.16 -5.07
N SER A 90 15.88 31.30 -6.12
CA SER A 90 14.69 32.15 -6.07
C SER A 90 13.51 31.31 -6.47
N VAL A 91 12.40 31.45 -5.75
CA VAL A 91 11.17 30.76 -6.12
C VAL A 91 10.05 31.77 -6.06
N THR A 92 9.40 32.00 -7.20
CA THR A 92 8.36 33.01 -7.28
C THR A 92 6.97 32.37 -7.25
N PHE A 93 6.11 32.84 -6.35
CA PHE A 93 4.73 32.37 -6.28
C PHE A 93 3.78 33.45 -6.78
N THR A 94 2.90 33.11 -7.71
CA THR A 94 1.82 34.02 -8.09
C THR A 94 0.58 33.63 -7.29
N LEU A 95 -0.13 34.62 -6.76
CA LEU A 95 -1.11 34.36 -5.73
C LEU A 95 -2.53 34.59 -6.21
N ARG A 96 -3.37 33.61 -5.90
CA ARG A 96 -4.78 33.62 -6.29
C ARG A 96 -5.46 34.88 -5.81
N LYS A 97 -6.23 35.51 -6.69
CA LYS A 97 -7.01 36.68 -6.28
C LYS A 97 -8.40 36.31 -5.75
N GLY A 98 -9.03 37.22 -5.02
CA GLY A 98 -10.40 37.04 -4.59
C GLY A 98 -10.64 36.11 -3.41
N VAL A 99 -9.59 35.78 -2.67
CA VAL A 99 -9.70 34.85 -1.56
C VAL A 99 -9.96 35.58 -0.24
N LYS A 100 -10.92 35.12 0.54
CA LYS A 100 -11.28 35.80 1.77
C LYS A 100 -10.84 35.03 2.99
N PHE A 101 -10.31 35.76 3.97
CA PHE A 101 -10.11 35.23 5.31
C PHE A 101 -11.46 35.17 6.02
N HIS A 102 -11.52 34.34 7.05
CA HIS A 102 -12.76 34.12 7.80
C HIS A 102 -13.23 35.35 8.57
N THR A 103 -14.54 35.51 8.63
CA THR A 103 -15.16 36.39 9.60
C THR A 103 -15.53 35.51 10.78
N THR A 104 -14.98 35.82 11.95
CA THR A 104 -15.23 35.03 13.14
C THR A 104 -15.89 35.89 14.22
N ALA A 105 -16.11 35.31 15.39
CA ALA A 105 -16.73 36.08 16.46
C ALA A 105 -15.74 37.11 17.00
N TYR A 106 -14.48 36.97 16.61
CA TYR A 106 -13.41 37.84 17.09
C TYR A 106 -12.67 38.63 16.01
N PHE A 107 -13.02 38.43 14.74
CA PHE A 107 -12.28 39.12 13.67
C PHE A 107 -13.06 39.33 12.38
N THR A 108 -12.95 40.53 11.83
CA THR A 108 -13.58 40.85 10.57
C THR A 108 -12.57 41.47 9.62
N PRO A 109 -12.26 40.77 8.52
CA PRO A 109 -11.28 41.24 7.54
C PRO A 109 -11.76 42.48 6.82
N THR A 110 -10.82 43.29 6.37
CA THR A 110 -11.14 44.51 5.66
C THR A 110 -10.55 44.42 4.24
N ARG A 111 -9.70 43.43 4.02
CA ARG A 111 -9.14 43.15 2.70
C ARG A 111 -9.06 41.64 2.47
N GLU A 112 -8.84 41.25 1.23
CA GLU A 112 -8.68 39.84 0.89
C GLU A 112 -7.21 39.43 0.96
N PHE A 113 -6.98 38.12 0.90
CA PHE A 113 -5.66 37.51 0.88
C PHE A 113 -4.74 38.13 -0.16
N ASN A 114 -3.52 38.51 0.26
CA ASN A 114 -2.50 39.02 -0.67
C ASN A 114 -1.08 38.61 -0.25
N ALA A 115 -0.07 39.23 -0.86
CA ALA A 115 1.33 38.89 -0.61
C ALA A 115 1.79 39.18 0.83
N ASP A 116 1.21 40.19 1.47
CA ASP A 116 1.58 40.56 2.84
C ASP A 116 1.31 39.42 3.82
N ASP A 117 0.20 38.72 3.63
CA ASP A 117 -0.10 37.53 4.41
C ASP A 117 0.98 36.45 4.25
N VAL A 118 1.38 36.19 3.01
CA VAL A 118 2.42 35.20 2.76
C VAL A 118 3.75 35.60 3.41
N ILE A 119 4.13 36.86 3.23
CA ILE A 119 5.38 37.34 3.79
C ILE A 119 5.35 37.28 5.32
N PHE A 120 4.24 37.73 5.91
CA PHE A 120 4.06 37.66 7.34
C PHE A 120 4.14 36.23 7.83
N THR A 121 3.41 35.33 7.16
CA THR A 121 3.29 33.94 7.60
C THR A 121 4.64 33.23 7.64
N PHE A 122 5.38 33.29 6.55
CA PHE A 122 6.64 32.54 6.50
C PHE A 122 7.84 33.24 7.15
N SER A 123 7.84 34.58 7.18
CA SER A 123 8.93 35.30 7.84
C SER A 123 8.82 35.15 9.35
N ARG A 124 7.61 34.95 9.86
CA ARG A 124 7.44 34.63 11.28
C ARG A 124 8.31 33.45 11.72
N LEU A 125 8.52 32.50 10.80
CA LEU A 125 9.27 31.27 11.10
C LEU A 125 10.77 31.43 11.25
N PHE A 126 11.35 32.40 10.54
CA PHE A 126 12.80 32.52 10.50
C PHE A 126 13.34 33.93 10.75
N ASP A 127 12.50 34.94 10.60
CA ASP A 127 12.96 36.33 10.58
C ASP A 127 12.77 37.03 11.93
N VAL A 128 13.87 37.30 12.64
CA VAL A 128 13.77 37.94 13.95
C VAL A 128 13.18 39.33 13.89
N TYR A 129 13.14 39.94 12.70
CA TYR A 129 12.55 41.26 12.57
C TYR A 129 11.03 41.16 12.50
N ASN A 130 10.50 39.96 12.24
CA ASN A 130 9.06 39.77 12.34
C ASN A 130 8.74 39.66 13.81
N PRO A 131 7.95 40.60 14.33
CA PRO A 131 7.70 40.66 15.77
C PRO A 131 7.03 39.39 16.30
N TYR A 132 6.24 38.72 15.47
CA TYR A 132 5.59 37.47 15.88
C TYR A 132 6.55 36.28 15.94
N HIS A 133 7.77 36.46 15.44
CA HIS A 133 8.74 35.38 15.52
C HIS A 133 8.85 34.83 16.94
N PHE A 134 8.83 35.74 17.92
CA PHE A 134 9.03 35.39 19.33
C PHE A 134 7.72 35.16 20.06
N VAL A 135 6.59 35.39 19.39
CA VAL A 135 5.29 35.08 20.00
C VAL A 135 5.11 33.57 20.16
N GLY A 136 4.60 33.15 21.30
CA GLY A 136 4.64 31.75 21.66
C GLY A 136 6.01 31.48 22.24
N ASP A 137 6.89 30.86 21.45
CA ASP A 137 8.22 30.54 21.94
C ASP A 137 9.27 30.61 20.83
N ALA A 138 8.91 31.19 19.69
CA ALA A 138 9.64 30.92 18.47
C ALA A 138 9.78 29.41 18.42
N ASN A 139 8.69 28.73 18.75
CA ASN A 139 8.64 27.28 18.66
C ASN A 139 7.92 26.87 17.38
N TYR A 140 8.70 26.51 16.35
CA TYR A 140 8.19 26.14 15.04
C TYR A 140 8.90 24.84 14.68
N PRO A 141 8.56 23.76 15.42
CA PRO A 141 9.39 22.56 15.47
C PRO A 141 9.65 21.94 14.08
N TYR A 142 8.67 21.88 13.18
CA TYR A 142 8.96 21.29 11.87
C TYR A 142 9.97 22.12 11.10
N PHE A 143 9.75 23.42 11.03
CA PHE A 143 10.61 24.26 10.23
C PHE A 143 12.03 24.41 10.81
N GLN A 144 12.10 24.43 12.13
CA GLN A 144 13.37 24.44 12.82
C GLN A 144 14.11 23.11 12.62
N SER A 145 13.38 21.99 12.66
CA SER A 145 13.97 20.72 12.31
C SER A 145 14.58 20.68 10.88
N VAL A 146 13.94 21.32 9.90
CA VAL A 146 14.49 21.37 8.55
C VAL A 146 15.38 22.62 8.32
N GLY A 147 15.66 23.34 9.40
CA GLY A 147 16.57 24.48 9.37
C GLY A 147 16.10 25.66 8.54
N ILE A 148 14.83 26.03 8.67
CA ILE A 148 14.28 27.10 7.85
C ILE A 148 15.11 28.41 7.86
N ASP A 149 15.71 28.74 8.99
CA ASP A 149 16.46 29.98 9.09
C ASP A 149 17.81 29.90 8.37
N GLN A 150 18.32 28.68 8.11
CA GLN A 150 19.53 28.57 7.27
C GLN A 150 19.16 28.49 5.79
N LEU A 151 17.88 28.61 5.46
CA LEU A 151 17.46 28.40 4.08
C LEU A 151 16.85 29.64 3.42
N ILE A 152 15.83 30.22 4.05
CA ILE A 152 15.19 31.42 3.52
C ILE A 152 15.93 32.65 4.01
N ARG A 153 16.51 33.40 3.08
CA ARG A 153 17.15 34.67 3.38
C ARG A 153 16.11 35.79 3.48
N LYS A 154 15.23 35.88 2.49
CA LYS A 154 14.15 36.87 2.54
C LYS A 154 13.00 36.55 1.61
N ILE A 155 11.85 37.13 1.89
CA ILE A 155 10.71 36.99 1.01
C ILE A 155 10.42 38.37 0.45
N VAL A 156 10.55 38.50 -0.87
CA VAL A 156 10.40 39.77 -1.55
C VAL A 156 8.95 39.96 -2.01
N ARG A 157 8.41 41.14 -1.77
CA ARG A 157 7.07 41.45 -2.22
C ARG A 157 7.16 42.07 -3.61
N VAL A 158 6.95 41.30 -4.67
CA VAL A 158 7.08 41.93 -5.99
C VAL A 158 5.81 42.68 -6.42
N SER A 159 4.66 42.30 -5.84
CA SER A 159 3.42 43.07 -6.03
C SER A 159 2.32 42.48 -5.14
N ASP A 160 1.12 43.05 -5.20
CA ASP A 160 0.05 42.60 -4.31
C ASP A 160 -0.22 41.11 -4.37
N HIS A 161 0.11 40.47 -5.49
CA HIS A 161 -0.22 39.07 -5.66
C HIS A 161 0.93 38.24 -6.20
N GLN A 162 2.13 38.71 -5.93
CA GLN A 162 3.30 37.93 -6.26
C GLN A 162 4.43 38.10 -5.25
N VAL A 163 5.01 36.99 -4.82
CA VAL A 163 6.16 37.03 -3.90
C VAL A 163 7.29 36.14 -4.39
N ARG A 164 8.51 36.53 -4.07
CA ARG A 164 9.69 35.73 -4.42
C ARG A 164 10.53 35.39 -3.19
N PHE A 165 10.59 34.11 -2.84
CA PHE A 165 11.45 33.65 -1.76
C PHE A 165 12.90 33.62 -2.24
N GLU A 166 13.80 34.23 -1.49
CA GLU A 166 15.21 34.16 -1.81
C GLU A 166 15.93 33.27 -0.82
N LEU A 167 16.68 32.29 -1.33
CA LEU A 167 17.28 31.27 -0.48
C LEU A 167 18.79 31.39 -0.42
N PHE A 168 19.39 31.11 0.74
CA PHE A 168 20.84 31.15 0.86
C PHE A 168 21.43 30.10 -0.05
N ASN A 169 20.80 28.94 -0.08
CA ASN A 169 21.23 27.83 -0.92
C ASN A 169 20.04 27.14 -1.56
N ALA A 170 20.26 26.56 -2.73
CA ALA A 170 19.26 25.70 -3.34
C ALA A 170 19.09 24.43 -2.48
N GLU A 171 17.85 24.12 -2.13
CA GLU A 171 17.55 22.87 -1.44
C GLU A 171 16.46 22.17 -2.23
N SER A 172 16.71 20.93 -2.63
CA SER A 172 15.78 20.22 -3.49
C SER A 172 14.46 19.86 -2.79
N SER A 173 14.39 20.05 -1.48
CA SER A 173 13.20 19.71 -0.72
C SER A 173 12.28 20.92 -0.48
N PHE A 174 12.74 22.10 -0.90
CA PHE A 174 12.04 23.34 -0.59
C PHE A 174 10.56 23.34 -0.96
N LEU A 175 10.22 22.99 -2.21
CA LEU A 175 8.83 23.04 -2.61
C LEU A 175 7.99 22.04 -1.82
N ALA A 176 8.60 20.90 -1.49
CA ALA A 176 7.90 19.88 -0.73
C ALA A 176 7.64 20.39 0.68
N ASN A 177 8.59 21.13 1.23
CA ASN A 177 8.38 21.72 2.54
C ASN A 177 7.26 22.75 2.52
N MET A 178 7.17 23.51 1.42
CA MET A 178 6.11 24.49 1.25
C MET A 178 4.75 23.85 1.02
N ALA A 179 4.72 22.53 0.94
CA ALA A 179 3.47 21.80 0.71
C ALA A 179 3.10 20.90 1.88
N THR A 180 3.82 21.06 2.99
CA THR A 180 3.45 20.32 4.18
C THR A 180 2.24 21.02 4.82
N ASP A 181 1.51 20.28 5.65
CA ASP A 181 0.37 20.81 6.38
C ASP A 181 0.81 21.89 7.36
N PHE A 182 2.12 22.01 7.57
CA PHE A 182 2.66 23.01 8.50
C PHE A 182 2.71 24.37 7.84
N ALA A 183 2.78 24.39 6.52
CA ALA A 183 2.96 25.63 5.75
C ALA A 183 1.62 26.30 5.37
N VAL A 184 0.68 26.35 6.30
CA VAL A 184 -0.59 27.01 6.04
C VAL A 184 -0.34 28.52 5.94
N VAL A 185 -1.26 29.23 5.30
CA VAL A 185 -1.17 30.68 5.19
C VAL A 185 -2.05 31.33 6.28
N LEU A 186 -1.49 32.33 6.96
CA LEU A 186 -2.17 32.99 8.08
C LEU A 186 -2.51 34.43 7.70
N SER A 187 -3.31 35.08 8.52
CA SER A 187 -3.77 36.43 8.26
C SER A 187 -2.92 37.50 8.96
N LYS A 188 -2.19 38.26 8.17
CA LYS A 188 -1.43 39.37 8.72
C LYS A 188 -2.33 40.44 9.37
N GLU A 189 -3.46 40.75 8.74
CA GLU A 189 -4.35 41.76 9.30
C GLU A 189 -4.84 41.41 10.70
N TYR A 190 -5.20 40.14 10.89
CA TYR A 190 -5.61 39.64 12.20
C TYR A 190 -4.47 39.80 13.23
N ALA A 191 -3.27 39.41 12.82
CA ALA A 191 -2.09 39.47 13.67
C ALA A 191 -1.79 40.91 14.10
N MET A 192 -1.84 41.84 13.16
CA MET A 192 -1.62 43.25 13.47
C MET A 192 -2.73 43.83 14.37
N ALA A 193 -3.97 43.41 14.16
CA ALA A 193 -5.07 43.88 14.98
C ALA A 193 -4.87 43.44 16.42
N LEU A 194 -4.22 42.28 16.59
CA LEU A 194 -3.98 41.71 17.90
C LEU A 194 -2.80 42.41 18.54
N LYS A 195 -1.79 42.67 17.72
CA LYS A 195 -0.58 43.34 18.15
C LYS A 195 -0.90 44.74 18.69
N ALA A 196 -1.85 45.40 18.03
CA ALA A 196 -2.28 46.73 18.45
C ALA A 196 -2.85 46.70 19.87
N ASN A 197 -3.29 45.53 20.31
CA ASN A 197 -3.88 45.41 21.65
C ASN A 197 -3.07 44.56 22.59
N ASN A 198 -1.81 44.31 22.23
CA ASN A 198 -0.95 43.41 23.01
C ASN A 198 -1.63 42.08 23.25
N GLN A 199 -2.36 41.60 22.26
CA GLN A 199 -3.03 40.31 22.40
C GLN A 199 -2.42 39.22 21.50
N GLU A 200 -1.11 39.31 21.24
CA GLU A 200 -0.46 38.35 20.34
C GLU A 200 -0.64 36.90 20.80
N ASN A 201 -0.75 36.69 22.11
CA ASN A 201 -0.89 35.35 22.65
C ASN A 201 -2.14 34.63 22.15
N LEU A 202 -3.06 35.41 21.59
CA LEU A 202 -4.35 34.90 21.12
C LEU A 202 -4.29 34.37 19.70
N PHE A 203 -3.31 34.86 18.92
CA PHE A 203 -3.22 34.57 17.50
C PHE A 203 -3.25 33.07 17.18
N ASP A 204 -2.54 32.29 17.99
CA ASP A 204 -2.39 30.86 17.75
C ASP A 204 -3.51 30.03 18.37
N GLN A 205 -4.26 30.64 19.28
CA GLN A 205 -5.36 29.97 19.96
C GLN A 205 -6.68 30.20 19.24
N TYR A 206 -6.86 31.39 18.67
CA TYR A 206 -8.12 31.72 18.01
C TYR A 206 -7.86 32.01 16.53
N PRO A 207 -7.99 30.97 15.70
CA PRO A 207 -7.53 30.94 14.31
C PRO A 207 -8.37 31.77 13.34
N VAL A 208 -7.67 32.35 12.37
CA VAL A 208 -8.27 32.94 11.19
C VAL A 208 -7.54 32.32 10.00
N GLY A 209 -8.27 31.64 9.13
CA GLY A 209 -7.67 31.07 7.93
C GLY A 209 -8.52 31.33 6.71
N THR A 210 -8.16 30.75 5.56
CA THR A 210 -8.91 30.92 4.32
C THR A 210 -9.65 29.63 3.98
N GLY A 211 -9.48 28.63 4.84
CA GLY A 211 -9.93 27.27 4.58
C GLY A 211 -11.43 27.09 4.60
N PRO A 212 -11.90 25.85 4.34
CA PRO A 212 -13.32 25.55 4.13
C PRO A 212 -14.17 25.65 5.38
N TYR A 213 -13.54 25.68 6.54
CA TYR A 213 -14.24 25.69 7.80
C TYR A 213 -13.71 26.77 8.72
N ILE A 214 -14.50 27.10 9.72
CA ILE A 214 -14.26 28.28 10.55
C ILE A 214 -14.41 27.93 12.01
N TYR A 215 -13.43 28.30 12.81
CA TYR A 215 -13.49 28.08 14.24
C TYR A 215 -14.76 28.67 14.85
N LYS A 216 -15.55 27.82 15.51
CA LYS A 216 -16.73 28.27 16.25
C LYS A 216 -16.49 28.16 17.76
N GLU A 217 -15.98 27.01 18.18
CA GLU A 217 -15.88 26.73 19.61
C GLU A 217 -14.90 25.62 19.90
N TYR A 218 -14.30 25.68 21.09
CA TYR A 218 -13.37 24.67 21.54
C TYR A 218 -13.48 24.44 23.03
N ARG A 219 -13.73 23.19 23.42
CA ARG A 219 -13.79 22.85 24.84
C ARG A 219 -12.70 21.81 25.13
N ARG A 220 -11.73 22.23 25.93
CA ARG A 220 -10.52 21.45 26.18
C ARG A 220 -10.87 20.01 26.48
N ASP A 221 -10.21 19.09 25.78
CA ASP A 221 -10.34 17.66 26.03
C ASP A 221 -11.73 17.13 25.80
N HIS A 222 -12.56 17.87 25.09
CA HIS A 222 -13.94 17.44 24.91
C HIS A 222 -14.40 17.52 23.46
N LEU A 223 -14.38 18.71 22.87
CA LEU A 223 -14.76 18.83 21.48
C LEU A 223 -14.24 20.10 20.85
N VAL A 224 -14.20 20.09 19.52
CA VAL A 224 -13.93 21.30 18.76
C VAL A 224 -14.97 21.39 17.65
N ARG A 225 -15.53 22.58 17.49
CA ARG A 225 -16.65 22.75 16.58
C ARG A 225 -16.28 23.80 15.54
N PHE A 226 -16.35 23.42 14.27
CA PHE A 226 -16.12 24.34 13.16
C PHE A 226 -17.44 24.54 12.41
N TYR A 227 -17.61 25.71 11.81
N TYR A 227 -17.62 25.70 11.81
CA TYR A 227 -18.72 25.97 10.92
CA TYR A 227 -18.75 25.85 10.90
C TYR A 227 -18.26 26.08 9.47
C TYR A 227 -18.34 26.25 9.49
N LYS A 228 -19.19 25.87 8.54
CA LYS A 228 -18.90 26.06 7.12
C LYS A 228 -18.51 27.51 6.79
N ASN A 229 -17.53 27.66 5.90
CA ASN A 229 -17.11 28.94 5.33
C ASN A 229 -17.93 29.17 4.06
N ALA A 230 -18.95 30.01 4.14
CA ALA A 230 -19.83 30.22 2.99
C ALA A 230 -19.12 30.88 1.82
N ASP A 231 -17.98 31.52 2.07
CA ASP A 231 -17.26 32.21 1.00
C ASP A 231 -16.06 31.46 0.46
N TYR A 232 -15.90 30.21 0.85
CA TYR A 232 -14.70 29.45 0.48
C TYR A 232 -14.45 29.48 -1.03
N TRP A 233 -13.22 29.81 -1.42
CA TRP A 233 -12.85 30.02 -2.80
C TRP A 233 -12.85 28.77 -3.68
N LYS A 234 -12.52 27.62 -3.12
CA LYS A 234 -12.24 26.47 -3.99
C LYS A 234 -13.48 25.73 -4.49
N HIS A 235 -14.47 25.59 -3.63
CA HIS A 235 -15.70 24.91 -4.01
C HIS A 235 -16.72 25.19 -2.95
N GLU A 236 -17.99 24.88 -3.24
CA GLU A 236 -19.05 25.05 -2.26
C GLU A 236 -18.90 24.01 -1.14
N VAL A 237 -18.77 24.47 0.11
CA VAL A 237 -18.55 23.56 1.23
C VAL A 237 -19.84 22.80 1.53
N ALA A 238 -19.74 21.47 1.58
CA ALA A 238 -20.92 20.61 1.69
C ALA A 238 -21.53 20.49 3.10
N LEU A 239 -20.68 20.46 4.13
CA LEU A 239 -21.17 20.28 5.49
C LEU A 239 -21.41 21.61 6.20
N GLU A 240 -22.53 21.73 6.92
CA GLU A 240 -22.81 22.95 7.62
C GLU A 240 -21.91 23.07 8.85
N GLN A 241 -21.56 21.94 9.43
CA GLN A 241 -20.89 21.96 10.71
C GLN A 241 -19.98 20.74 10.83
N LEU A 242 -18.86 20.94 11.50
CA LEU A 242 -17.91 19.87 11.76
C LEU A 242 -17.69 19.80 13.25
N VAL A 243 -17.91 18.63 13.84
CA VAL A 243 -17.54 18.45 15.24
C VAL A 243 -16.41 17.44 15.41
N TYR A 244 -15.37 17.84 16.12
CA TYR A 244 -14.35 16.88 16.51
C TYR A 244 -14.57 16.47 17.95
N ASP A 245 -14.87 15.19 18.14
CA ASP A 245 -15.13 14.64 19.46
C ASP A 245 -13.87 13.98 20.02
N ILE A 246 -13.26 14.66 20.98
CA ILE A 246 -11.99 14.23 21.54
C ILE A 246 -12.15 12.96 22.39
N THR A 247 -11.70 11.82 21.84
CA THR A 247 -11.87 10.53 22.51
C THR A 247 -10.60 9.66 22.47
N PRO A 248 -9.72 9.84 23.47
CA PRO A 248 -8.42 9.17 23.57
C PRO A 248 -8.49 7.65 23.55
N ASN A 249 -9.48 7.07 24.22
CA ASN A 249 -9.57 5.62 24.29
C ASN A 249 -9.98 5.01 22.94
N GLY A 250 -9.11 4.22 22.34
CA GLY A 250 -9.41 3.55 21.08
C GLY A 250 -10.73 2.80 21.03
N THR A 251 -10.97 1.89 21.97
CA THR A 251 -12.19 1.11 21.91
C THR A 251 -13.44 1.94 22.11
N THR A 252 -13.32 3.08 22.79
CA THR A 252 -14.45 4.00 22.91
C THR A 252 -14.79 4.62 21.55
N ARG A 253 -13.77 4.90 20.76
CA ARG A 253 -14.00 5.45 19.42
C ARG A 253 -14.72 4.43 18.54
N ILE A 254 -14.41 3.16 18.76
CA ILE A 254 -15.14 2.09 18.08
C ILE A 254 -16.59 2.01 18.54
N ALA A 255 -16.84 2.11 19.85
CA ALA A 255 -18.22 2.08 20.33
C ALA A 255 -19.02 3.23 19.71
N LYS A 256 -18.39 4.40 19.60
CA LYS A 256 -19.08 5.58 19.12
C LYS A 256 -19.40 5.53 17.63
N ILE A 257 -18.54 4.95 16.80
CA ILE A 257 -18.92 4.84 15.39
C ILE A 257 -20.01 3.79 15.21
N LEU A 258 -19.97 2.73 16.01
CA LEU A 258 -20.97 1.66 15.91
C LEU A 258 -22.37 2.17 16.22
N THR A 259 -22.48 3.02 17.24
CA THR A 259 -23.78 3.55 17.66
C THR A 259 -24.09 4.89 17.00
N LYS A 260 -23.22 5.32 16.10
CA LYS A 260 -23.44 6.51 15.31
C LYS A 260 -23.39 7.82 16.07
N GLU A 261 -22.64 7.88 17.17
CA GLU A 261 -22.35 9.17 17.79
C GLU A 261 -21.29 9.91 17.00
N CYS A 262 -20.30 9.19 16.47
CA CYS A 262 -19.38 9.78 15.48
C CYS A 262 -19.64 9.15 14.10
N ASP A 263 -19.34 9.89 13.04
CA ASP A 263 -19.48 9.40 11.66
C ASP A 263 -18.15 8.89 11.10
N VAL A 264 -17.05 9.23 11.77
CA VAL A 264 -15.70 8.85 11.33
C VAL A 264 -14.83 8.60 12.56
N THR A 265 -14.06 7.53 12.53
CA THR A 265 -13.21 7.20 13.65
C THR A 265 -11.75 7.18 13.25
N ALA A 266 -10.97 8.04 13.89
CA ALA A 266 -9.54 8.08 13.68
C ALA A 266 -8.84 6.89 14.35
N HIS A 267 -7.87 6.32 13.62
CA HIS A 267 -7.01 5.27 14.14
C HIS A 267 -7.73 4.12 14.84
N PRO A 268 -8.64 3.44 14.12
CA PRO A 268 -9.45 2.36 14.71
C PRO A 268 -8.62 1.25 15.34
N SER A 269 -9.00 0.80 16.54
CA SER A 269 -8.27 -0.28 17.20
C SER A 269 -8.34 -1.61 16.44
N SER A 270 -7.16 -2.22 16.25
CA SER A 270 -6.98 -3.48 15.53
C SER A 270 -7.97 -4.57 15.92
N ALA A 271 -8.10 -4.78 17.21
CA ALA A 271 -8.92 -5.88 17.72
C ALA A 271 -10.37 -5.74 17.27
N GLN A 272 -10.80 -4.53 16.90
CA GLN A 272 -12.18 -4.38 16.41
C GLN A 272 -12.29 -4.23 14.89
N LEU A 273 -11.17 -4.26 14.18
CA LEU A 273 -11.20 -4.18 12.72
C LEU A 273 -12.14 -5.23 12.16
N SER A 274 -12.08 -6.43 12.75
CA SER A 274 -12.97 -7.52 12.35
C SER A 274 -14.46 -7.14 12.48
N ILE A 275 -14.85 -6.64 13.64
CA ILE A 275 -16.22 -6.19 13.84
C ILE A 275 -16.62 -5.12 12.82
N LEU A 276 -15.72 -4.16 12.58
CA LEU A 276 -16.00 -3.07 11.64
C LEU A 276 -16.11 -3.54 10.19
N ALA A 277 -15.17 -4.38 9.76
CA ALA A 277 -15.20 -4.96 8.41
C ALA A 277 -16.54 -5.64 8.09
N GLN A 278 -17.13 -6.31 9.09
CA GLN A 278 -18.35 -7.09 8.89
C GLN A 278 -19.59 -6.24 8.59
N ARG A 279 -19.69 -5.08 9.23
CA ARG A 279 -20.88 -4.23 9.08
C ARG A 279 -21.02 -3.61 7.70
N ASP A 280 -22.24 -3.62 7.17
CA ASP A 280 -22.51 -3.04 5.86
C ASP A 280 -22.64 -1.53 5.94
N ASP A 281 -22.88 -1.00 7.14
CA ASP A 281 -23.05 0.43 7.33
C ASP A 281 -21.74 1.16 7.70
N ILE A 282 -20.63 0.42 7.72
CA ILE A 282 -19.32 0.99 8.03
C ILE A 282 -18.33 0.71 6.89
N ASN A 283 -17.66 1.74 6.40
CA ASN A 283 -16.55 1.56 5.46
C ASN A 283 -15.24 1.57 6.23
N VAL A 284 -14.32 0.70 5.82
CA VAL A 284 -13.01 0.66 6.44
C VAL A 284 -11.94 0.85 5.37
N GLU A 285 -11.15 1.91 5.54
CA GLU A 285 -10.05 2.23 4.68
C GLU A 285 -8.79 1.49 5.13
N ARG A 286 -8.00 1.02 4.18
CA ARG A 286 -6.71 0.40 4.48
C ARG A 286 -5.71 0.81 3.40
N GLU A 287 -4.98 1.89 3.61
CA GLU A 287 -4.14 2.48 2.56
C GLU A 287 -2.65 2.31 2.82
N THR A 288 -1.89 2.16 1.73
CA THR A 288 -0.44 2.23 1.80
C THR A 288 -0.06 3.63 2.28
N ASN A 289 1.03 3.74 3.01
CA ASN A 289 1.40 5.02 3.57
C ASN A 289 2.86 5.07 3.94
N LEU A 290 3.50 6.20 3.71
CA LEU A 290 4.90 6.38 4.08
C LEU A 290 4.97 6.68 5.59
N ASN A 291 5.42 5.71 6.38
CA ASN A 291 5.65 5.91 7.81
C ASN A 291 6.70 4.95 8.28
N ILE A 292 7.14 5.14 9.53
CA ILE A 292 8.05 4.22 10.21
C ILE A 292 7.74 4.29 11.70
N GLY A 293 7.60 3.13 12.34
CA GLY A 293 7.57 3.06 13.78
C GLY A 293 8.91 2.51 14.23
N TYR A 294 9.45 3.05 15.32
CA TYR A 294 10.79 2.66 15.76
C TYR A 294 10.94 2.60 17.29
N TRP A 295 12.09 2.09 17.73
CA TRP A 295 12.46 2.03 19.13
C TRP A 295 13.70 2.91 19.26
N ALA A 296 13.55 4.09 19.82
CA ALA A 296 14.66 5.04 19.94
C ALA A 296 15.30 5.02 21.33
N PHE A 297 16.62 5.11 21.35
CA PHE A 297 17.37 5.11 22.61
C PHE A 297 17.85 6.51 22.95
N ASN A 298 17.78 6.90 24.22
CA ASN A 298 18.39 8.14 24.68
C ASN A 298 19.90 7.96 24.70
N THR A 299 20.56 8.28 23.58
CA THR A 299 21.96 7.92 23.39
C THR A 299 22.94 8.75 24.20
N GLU A 300 22.44 9.71 24.97
CA GLU A 300 23.27 10.53 25.87
C GLU A 300 23.27 9.94 27.29
N ARG A 301 22.43 8.95 27.53
CA ARG A 301 22.25 8.42 28.88
C ARG A 301 22.80 7.00 29.00
N PRO A 302 23.86 6.81 29.79
CA PRO A 302 24.43 5.46 29.98
C PRO A 302 23.36 4.53 30.56
N PRO A 303 23.36 3.26 30.15
CA PRO A 303 24.31 2.62 29.22
C PRO A 303 23.89 2.67 27.73
N PHE A 304 22.83 3.39 27.39
CA PHE A 304 22.38 3.49 25.98
C PHE A 304 23.28 4.34 25.13
N ASP A 305 24.28 4.94 25.77
CA ASP A 305 25.27 5.72 25.06
C ASP A 305 26.30 4.76 24.52
N ASN A 306 26.13 3.48 24.87
CA ASN A 306 27.08 2.44 24.47
C ASN A 306 26.54 1.58 23.34
N LEU A 307 27.11 1.75 22.15
CA LEU A 307 26.64 1.06 20.94
C LEU A 307 26.48 -0.44 21.17
N LYS A 308 27.40 -1.02 21.92
CA LYS A 308 27.37 -2.45 22.20
C LYS A 308 26.08 -2.84 22.95
N VAL A 309 25.64 -1.99 23.87
CA VAL A 309 24.37 -2.23 24.58
C VAL A 309 23.17 -2.00 23.66
N ARG A 310 23.25 -0.97 22.81
CA ARG A 310 22.19 -0.75 21.81
C ARG A 310 22.05 -1.96 20.89
N GLN A 311 23.16 -2.47 20.38
CA GLN A 311 23.12 -3.70 19.60
C GLN A 311 22.49 -4.88 20.38
N ALA A 312 22.92 -5.10 21.62
CA ALA A 312 22.39 -6.24 22.39
C ALA A 312 20.87 -6.19 22.56
N LEU A 313 20.34 -4.99 22.85
CA LEU A 313 18.93 -4.85 23.16
C LEU A 313 18.11 -5.11 21.91
N VAL A 314 18.63 -4.66 20.77
CA VAL A 314 17.90 -4.81 19.53
C VAL A 314 17.84 -6.28 19.10
N HIS A 315 18.87 -7.06 19.44
CA HIS A 315 18.89 -8.48 19.05
C HIS A 315 17.95 -9.32 19.92
N ALA A 316 17.49 -8.76 21.04
CA ALA A 316 16.66 -9.50 21.95
C ALA A 316 15.18 -9.45 21.57
N ILE A 317 14.84 -8.54 20.65
CA ILE A 317 13.45 -8.33 20.30
C ILE A 317 12.94 -9.26 19.18
N ASP A 318 11.90 -10.04 19.52
CA ASP A 318 11.23 -10.91 18.56
C ASP A 318 10.26 -10.11 17.67
N ILE A 319 10.80 -9.55 16.60
N ILE A 319 10.79 -9.55 16.60
CA ILE A 319 10.06 -8.67 15.69
CA ILE A 319 10.00 -8.67 15.72
C ILE A 319 8.91 -9.36 14.93
C ILE A 319 8.88 -9.38 14.96
N GLU A 320 9.13 -10.61 14.51
CA GLU A 320 8.09 -11.38 13.83
C GLU A 320 6.87 -11.51 14.73
N LYS A 321 7.11 -11.81 16.00
CA LYS A 321 6.04 -11.87 16.99
C LYS A 321 5.24 -10.57 17.02
N ILE A 322 5.96 -9.44 17.07
CA ILE A 322 5.35 -8.10 17.03
C ILE A 322 4.54 -7.89 15.75
N MET A 323 5.10 -8.31 14.60
CA MET A 323 4.37 -8.19 13.34
C MET A 323 3.02 -8.92 13.38
N GLN A 324 2.98 -10.08 14.03
CA GLN A 324 1.74 -10.85 14.15
C GLN A 324 0.77 -10.26 15.18
N ALA A 325 1.25 -10.00 16.39
CA ALA A 325 0.39 -9.67 17.53
C ALA A 325 0.01 -8.19 17.63
N VAL A 326 0.92 -7.30 17.24
CA VAL A 326 0.63 -5.87 17.25
C VAL A 326 0.04 -5.40 15.90
N TYR A 327 0.70 -5.73 14.81
CA TYR A 327 0.24 -5.26 13.50
C TYR A 327 -0.81 -6.15 12.86
N TYR A 328 -1.13 -7.29 13.51
CA TYR A 328 -2.16 -8.21 13.03
C TYR A 328 -1.93 -8.62 11.59
N GLY A 329 -0.68 -8.85 11.21
CA GLY A 329 -0.36 -9.21 9.85
C GLY A 329 -0.45 -8.08 8.83
N ASN A 330 -0.78 -6.87 9.27
CA ASN A 330 -0.99 -5.77 8.32
C ASN A 330 0.20 -4.87 8.01
N GLY A 331 1.22 -4.90 8.85
CA GLY A 331 2.36 -4.04 8.60
C GLY A 331 3.41 -4.70 7.71
N LEU A 332 4.49 -3.97 7.47
CA LEU A 332 5.67 -4.56 6.86
C LEU A 332 6.81 -4.40 7.84
N ARG A 333 7.74 -5.36 7.83
CA ARG A 333 8.86 -5.30 8.75
C ARG A 333 9.82 -4.26 8.21
N ALA A 334 10.45 -3.48 9.09
CA ALA A 334 11.38 -2.49 8.58
C ALA A 334 12.71 -3.14 8.21
N ARG A 335 13.29 -2.66 7.11
CA ARG A 335 14.61 -3.09 6.68
C ARG A 335 15.52 -1.86 6.63
N SER A 336 14.96 -0.76 7.10
CA SER A 336 15.56 0.57 7.03
C SER A 336 14.63 1.54 7.76
N ILE A 337 15.10 2.75 8.03
CA ILE A 337 14.21 3.77 8.52
C ILE A 337 13.20 4.16 7.43
N LEU A 338 13.59 4.03 6.17
CA LEU A 338 12.66 4.34 5.08
C LEU A 338 11.76 3.14 4.83
N PRO A 339 10.49 3.40 4.53
CA PRO A 339 9.65 2.33 3.99
C PRO A 339 10.02 2.06 2.53
N PRO A 340 9.75 0.85 2.05
CA PRO A 340 10.05 0.45 0.66
C PRO A 340 9.32 1.26 -0.41
N THR A 341 8.23 1.96 -0.08
CA THR A 341 7.57 2.83 -1.06
C THR A 341 8.22 4.21 -1.21
N SER A 342 9.23 4.50 -0.40
CA SER A 342 10.02 5.71 -0.59
C SER A 342 11.02 5.45 -1.71
N TRP A 343 11.21 6.42 -2.60
CA TRP A 343 12.12 6.23 -3.73
C TRP A 343 13.61 6.14 -3.33
N ALA A 344 13.93 6.49 -2.09
CA ALA A 344 15.32 6.43 -1.61
C ALA A 344 15.61 5.18 -0.79
N PHE A 345 14.61 4.33 -0.62
CA PHE A 345 14.73 3.16 0.24
C PHE A 345 15.85 2.21 -0.18
N GLU A 346 16.61 1.76 0.80
CA GLU A 346 17.59 0.73 0.56
C GLU A 346 17.52 -0.21 1.75
N PRO A 347 17.23 -1.50 1.49
CA PRO A 347 17.28 -2.45 2.61
C PRO A 347 18.71 -2.52 3.18
N GLN A 348 18.83 -2.54 4.50
CA GLN A 348 20.15 -2.58 5.13
C GLN A 348 20.55 -4.01 5.49
N LYS A 349 21.65 -4.50 4.90
CA LYS A 349 22.06 -5.88 5.08
C LYS A 349 22.59 -6.14 6.51
N ASN A 350 22.93 -5.08 7.22
CA ASN A 350 23.35 -5.22 8.61
C ASN A 350 22.23 -5.01 9.63
N MET A 351 20.99 -4.94 9.15
CA MET A 351 19.83 -4.95 10.04
C MET A 351 19.96 -6.08 11.05
N PRO A 352 19.93 -5.76 12.34
CA PRO A 352 19.89 -6.78 13.39
C PRO A 352 18.71 -7.73 13.20
N ILE A 353 18.93 -9.00 13.51
CA ILE A 353 17.89 -10.00 13.46
C ILE A 353 17.69 -10.60 14.85
N PHE A 354 16.50 -11.13 15.12
CA PHE A 354 16.20 -11.70 16.42
C PHE A 354 17.19 -12.83 16.72
N ASP A 355 17.95 -12.67 17.80
CA ASP A 355 18.96 -13.65 18.19
C ASP A 355 19.29 -13.49 19.67
N PRO A 356 18.44 -14.03 20.54
CA PRO A 356 18.56 -13.83 21.99
C PRO A 356 19.93 -14.24 22.52
N GLN A 357 20.48 -15.33 22.02
CA GLN A 357 21.78 -15.80 22.52
C GLN A 357 22.84 -14.75 22.23
N LEU A 358 22.80 -14.20 21.03
CA LEU A 358 23.75 -13.17 20.62
C LEU A 358 23.55 -11.93 21.48
N ALA A 359 22.30 -11.63 21.80
CA ALA A 359 21.95 -10.55 22.71
C ALA A 359 22.61 -10.72 24.07
N LYS A 360 22.46 -11.90 24.66
N LYS A 360 22.45 -11.89 24.67
CA LYS A 360 23.07 -12.18 25.96
CA LYS A 360 23.07 -12.19 25.95
C LYS A 360 24.59 -12.08 25.89
C LYS A 360 24.59 -12.02 25.85
N LYS A 361 25.16 -12.54 24.77
CA LYS A 361 26.61 -12.46 24.56
C LYS A 361 27.08 -11.01 24.53
N LEU A 362 26.38 -10.17 23.78
CA LEU A 362 26.79 -8.77 23.65
C LEU A 362 26.61 -8.00 24.97
N LEU A 363 25.57 -8.30 25.72
CA LEU A 363 25.38 -7.65 26.99
C LEU A 363 26.57 -7.97 27.86
N THR A 364 27.01 -9.22 27.79
CA THR A 364 28.13 -9.67 28.60
C THR A 364 29.44 -9.04 28.13
N GLU A 365 29.62 -8.91 26.82
CA GLU A 365 30.90 -8.45 26.26
C GLU A 365 31.25 -7.03 26.67
N ALA A 366 30.30 -6.33 27.28
CA ALA A 366 30.64 -5.03 27.81
C ALA A 366 29.46 -4.41 28.48
N GLY A 367 29.33 -4.57 29.79
CA GLY A 367 29.89 -5.70 30.54
C GLY A 367 28.87 -6.15 31.61
N TYR A 368 27.63 -6.41 31.17
CA TYR A 368 26.50 -6.78 32.05
C TYR A 368 26.19 -8.29 31.99
N GLU A 369 26.29 -8.98 33.12
CA GLU A 369 25.96 -10.40 33.18
C GLU A 369 24.69 -10.61 33.97
N LYS A 370 24.21 -9.54 34.58
CA LYS A 370 23.00 -9.57 35.39
C LYS A 370 21.95 -8.60 34.84
N GLY A 371 22.06 -8.25 33.56
CA GLY A 371 21.19 -7.27 32.97
C GLY A 371 21.24 -5.92 33.65
N PHE A 372 20.15 -5.15 33.52
CA PHE A 372 20.02 -3.84 34.14
C PHE A 372 18.55 -3.43 34.03
N ASP A 373 18.18 -2.32 34.66
CA ASP A 373 16.81 -1.82 34.60
C ASP A 373 16.68 -0.73 33.55
N MET A 374 15.53 -0.65 32.90
CA MET A 374 15.32 0.43 31.94
C MET A 374 13.85 0.69 31.69
N SER A 375 13.55 1.91 31.27
CA SER A 375 12.19 2.24 30.90
C SER A 375 11.98 2.14 29.38
N ILE A 376 10.82 1.68 28.97
CA ILE A 376 10.40 1.83 27.59
C ILE A 376 9.16 2.69 27.68
N TRP A 377 9.21 3.87 27.07
CA TRP A 377 8.09 4.78 27.04
C TRP A 377 7.19 4.43 25.86
N ALA A 378 5.92 4.16 26.14
CA ALA A 378 4.99 3.67 25.16
C ALA A 378 3.89 4.69 24.90
N MET A 379 3.64 4.98 23.63
CA MET A 379 2.57 5.89 23.22
C MET A 379 1.21 5.39 23.68
N PRO A 380 0.40 6.32 24.19
CA PRO A 380 -0.94 6.06 24.76
C PRO A 380 -2.03 5.92 23.71
N VAL A 381 -1.77 6.33 22.48
CA VAL A 381 -2.77 6.23 21.42
C VAL A 381 -2.18 5.53 20.20
N SER A 382 -3.09 5.06 19.35
CA SER A 382 -2.74 4.31 18.17
C SER A 382 -2.23 5.26 17.07
N ARG A 383 -1.12 4.93 16.41
CA ARG A 383 -0.64 5.73 15.27
C ARG A 383 -0.54 4.84 14.02
N ILE A 384 -0.40 5.46 12.86
CA ILE A 384 -0.29 4.69 11.63
C ILE A 384 0.91 3.76 11.75
N TYR A 385 2.00 4.27 12.29
CA TYR A 385 3.23 3.51 12.35
C TYR A 385 3.25 2.47 13.45
N ASN A 386 2.27 2.54 14.35
CA ASN A 386 2.23 1.68 15.52
C ASN A 386 0.86 1.72 16.17
N PRO A 387 0.03 0.71 15.88
CA PRO A 387 -1.35 0.65 16.35
C PRO A 387 -1.48 0.39 17.85
N ASN A 388 -0.41 -0.07 18.51
CA ASN A 388 -0.49 -0.39 19.93
C ASN A 388 0.85 -0.47 20.65
N ALA A 389 1.38 0.69 21.03
CA ALA A 389 2.70 0.77 21.62
C ALA A 389 2.78 0.04 22.96
N ARG A 390 1.71 0.12 23.74
CA ARG A 390 1.63 -0.57 25.03
C ARG A 390 1.79 -2.09 24.86
N LYS A 391 0.99 -2.68 23.97
CA LYS A 391 1.14 -4.12 23.73
C LYS A 391 2.55 -4.41 23.20
N MET A 392 3.10 -3.52 22.38
CA MET A 392 4.46 -3.71 21.89
C MET A 392 5.49 -3.70 23.02
N ALA A 393 5.38 -2.72 23.93
CA ALA A 393 6.28 -2.64 25.09
C ALA A 393 6.20 -3.91 25.96
N GLU A 394 4.99 -4.39 26.20
CA GLU A 394 4.81 -5.64 26.96
C GLU A 394 5.49 -6.86 26.34
N LEU A 395 5.35 -7.03 25.03
CA LEU A 395 6.04 -8.09 24.32
C LEU A 395 7.55 -7.94 24.42
N MET A 396 8.02 -6.70 24.33
CA MET A 396 9.44 -6.40 24.41
C MET A 396 9.94 -6.60 25.84
N GLN A 397 9.12 -6.20 26.81
CA GLN A 397 9.45 -6.38 28.22
C GLN A 397 9.68 -7.85 28.46
N SER A 398 8.81 -8.66 27.88
CA SER A 398 8.91 -10.10 27.98
C SER A 398 10.18 -10.64 27.31
N ASP A 399 10.48 -10.16 26.11
CA ASP A 399 11.66 -10.59 25.38
C ASP A 399 12.94 -10.22 26.12
N LEU A 400 12.93 -9.04 26.72
CA LEU A 400 14.13 -8.48 27.32
C LEU A 400 14.40 -9.11 28.68
N ARG A 401 13.34 -9.52 29.35
CA ARG A 401 13.48 -10.25 30.61
C ARG A 401 14.33 -11.50 30.41
N LYS A 402 14.27 -12.09 29.22
CA LYS A 402 14.97 -13.35 28.98
C LYS A 402 16.48 -13.17 28.92
N ILE A 403 16.93 -11.97 28.60
CA ILE A 403 18.35 -11.65 28.69
C ILE A 403 18.65 -10.87 29.98
N GLY A 404 17.68 -10.84 30.90
CA GLY A 404 17.85 -10.23 32.21
C GLY A 404 17.75 -8.71 32.24
N VAL A 405 17.18 -8.13 31.20
CA VAL A 405 16.89 -6.69 31.21
C VAL A 405 15.46 -6.48 31.71
N ASN A 406 15.34 -5.71 32.79
CA ASN A 406 14.07 -5.53 33.46
C ASN A 406 13.39 -4.22 33.04
N VAL A 407 12.33 -4.33 32.27
CA VAL A 407 11.67 -3.17 31.69
C VAL A 407 10.53 -2.60 32.53
N ASN A 408 10.60 -1.29 32.74
CA ASN A 408 9.52 -0.50 33.33
C ASN A 408 8.76 0.22 32.19
N ILE A 409 7.46 0.01 32.07
CA ILE A 409 6.74 0.65 30.99
C ILE A 409 6.17 2.01 31.42
N VAL A 410 6.55 3.06 30.70
CA VAL A 410 6.05 4.40 31.01
C VAL A 410 5.11 4.90 29.92
N GLU A 411 3.98 5.42 30.35
CA GLU A 411 2.94 5.90 29.45
C GLU A 411 2.30 7.13 30.08
N TYR A 412 2.02 8.14 29.26
CA TYR A 412 1.32 9.35 29.72
C TYR A 412 0.34 9.76 28.63
N GLU A 413 -0.50 10.74 28.92
CA GLU A 413 -1.34 11.36 27.89
C GLU A 413 -0.49 11.84 26.71
N TRP A 414 -1.02 11.63 25.50
CA TRP A 414 -0.31 11.81 24.24
C TRP A 414 0.52 13.09 24.14
N ASN A 415 -0.11 14.24 24.30
CA ASN A 415 0.59 15.53 24.20
C ASN A 415 1.62 15.68 25.32
N THR A 416 1.26 15.23 26.52
CA THR A 416 2.16 15.32 27.66
C THR A 416 3.36 14.42 27.39
N PHE A 417 3.08 13.23 26.87
CA PHE A 417 4.07 12.24 26.45
C PHE A 417 5.10 12.81 25.49
N ILE A 418 4.61 13.41 24.40
CA ILE A 418 5.49 14.04 23.43
C ILE A 418 6.40 15.11 24.05
N GLN A 419 5.80 15.97 24.89
CA GLN A 419 6.56 16.98 25.60
C GLN A 419 7.72 16.40 26.44
N ARG A 420 7.48 15.28 27.10
CA ARG A 420 8.50 14.71 27.99
C ARG A 420 9.58 13.97 27.23
N ILE A 421 9.24 13.47 26.05
CA ILE A 421 10.26 12.92 25.15
C ILE A 421 11.15 14.04 24.64
N GLY A 422 10.54 15.19 24.38
CA GLY A 422 11.27 16.38 24.02
C GLY A 422 12.21 16.88 25.11
N GLU A 423 11.91 16.56 26.37
CA GLU A 423 12.79 16.90 27.48
C GLU A 423 13.79 15.77 27.74
N HIS A 424 13.71 14.74 26.90
CA HIS A 424 14.55 13.54 26.98
C HIS A 424 14.56 12.91 28.39
N ARG A 425 13.38 12.75 28.96
CA ARG A 425 13.27 12.09 30.25
C ARG A 425 13.38 10.55 30.15
N HIS A 426 13.25 10.03 28.94
CA HIS A 426 13.19 8.58 28.71
C HIS A 426 14.55 7.89 28.59
N ASP A 427 14.59 6.61 28.93
CA ASP A 427 15.71 5.76 28.56
C ASP A 427 15.54 5.32 27.10
N SER A 428 14.32 4.94 26.75
CA SER A 428 13.98 4.52 25.39
C SER A 428 12.48 4.73 25.13
N VAL A 429 12.12 4.84 23.87
CA VAL A 429 10.75 5.20 23.53
C VAL A 429 10.32 4.57 22.22
N LEU A 430 9.08 4.10 22.20
CA LEU A 430 8.45 3.61 20.98
C LEU A 430 7.73 4.76 20.30
N LEU A 431 8.37 5.35 19.29
CA LEU A 431 7.77 6.46 18.56
C LEU A 431 7.79 6.18 17.06
N GLY A 432 7.66 7.23 16.25
CA GLY A 432 7.63 7.08 14.81
C GLY A 432 7.35 8.36 14.05
N TRP A 433 7.05 8.20 12.77
CA TRP A 433 6.82 9.33 11.89
C TRP A 433 5.90 8.89 10.76
N ALA A 434 4.80 9.62 10.58
CA ALA A 434 3.97 9.48 9.37
C ALA A 434 4.39 10.64 8.48
N ALA A 435 4.98 10.32 7.34
CA ALA A 435 5.59 11.32 6.50
C ALA A 435 4.60 12.40 6.06
N ASP A 436 5.11 13.63 5.92
CA ASP A 436 4.32 14.78 5.52
C ASP A 436 4.31 14.95 3.99
N THR A 437 5.34 14.42 3.34
CA THR A 437 5.46 14.50 1.88
C THR A 437 6.17 13.24 1.40
N PRO A 438 6.18 13.02 0.07
CA PRO A 438 6.95 11.90 -0.48
C PRO A 438 8.43 12.25 -0.68
N ASP A 439 8.88 13.41 -0.23
CA ASP A 439 10.33 13.69 -0.31
C ASP A 439 11.05 12.98 0.82
N PRO A 440 12.03 12.11 0.49
CA PRO A 440 12.75 11.29 1.48
C PRO A 440 13.36 12.09 2.63
N ASP A 441 13.82 13.31 2.36
CA ASP A 441 14.34 14.13 3.45
C ASP A 441 13.41 14.18 4.65
N ASN A 442 12.10 14.08 4.39
CA ASN A 442 11.10 14.17 5.44
C ASN A 442 11.25 13.09 6.54
N PHE A 443 12.00 12.03 6.24
CA PHE A 443 12.24 10.96 7.20
C PHE A 443 13.56 11.14 7.93
N PHE A 444 14.35 12.13 7.54
CA PHE A 444 15.71 12.25 8.07
C PHE A 444 15.85 13.52 8.89
N SER A 445 15.70 14.68 8.23
CA SER A 445 15.84 15.95 8.91
C SER A 445 14.93 16.16 10.13
N PRO A 446 13.64 15.80 10.04
CA PRO A 446 12.76 16.02 11.20
C PRO A 446 12.93 14.98 12.30
N LEU A 447 13.76 13.97 12.06
CA LEU A 447 13.91 12.88 13.04
C LEU A 447 15.27 12.85 13.74
N LEU A 448 16.33 12.82 12.96
CA LEU A 448 17.64 12.47 13.51
C LEU A 448 18.73 13.53 13.29
N SER A 449 18.35 14.68 12.74
CA SER A 449 19.33 15.74 12.52
C SER A 449 19.59 16.55 13.80
N CYS A 450 20.71 17.28 13.82
CA CYS A 450 21.10 18.10 14.96
C CYS A 450 20.05 19.14 15.34
N THR A 451 19.50 19.84 14.34
CA THR A 451 18.44 20.81 14.66
C THR A 451 17.14 20.15 15.14
N ALA A 452 16.86 18.92 14.70
CA ALA A 452 15.73 18.20 15.27
C ALA A 452 15.97 17.99 16.78
N THR A 453 17.18 17.58 17.14
CA THR A 453 17.54 17.41 18.54
C THR A 453 17.31 18.69 19.32
N PHE A 454 17.89 19.80 18.83
CA PHE A 454 17.84 21.08 19.56
C PHE A 454 16.42 21.62 19.69
N SER A 455 15.52 21.20 18.80
CA SER A 455 14.12 21.58 18.89
C SER A 455 13.31 20.56 19.70
N GLY A 456 13.98 19.54 20.23
CA GLY A 456 13.31 18.55 21.06
C GLY A 456 12.44 17.50 20.36
N LYS A 457 12.75 17.19 19.10
CA LYS A 457 11.96 16.22 18.34
C LYS A 457 12.78 15.05 17.82
N ASN A 458 14.00 14.95 18.31
CA ASN A 458 14.85 13.79 18.02
C ASN A 458 14.89 12.90 19.25
N PRO A 459 14.08 11.83 19.27
CA PRO A 459 13.94 10.99 20.46
C PRO A 459 15.20 10.18 20.78
N ALA A 460 16.15 10.11 19.87
CA ALA A 460 17.42 9.44 20.15
C ALA A 460 18.41 10.37 20.85
N ASN A 461 18.05 11.64 20.98
CA ASN A 461 18.89 12.61 21.66
C ASN A 461 20.28 12.57 21.02
N TRP A 462 20.29 12.52 19.69
CA TRP A 462 21.46 12.12 18.90
C TRP A 462 21.79 13.20 17.89
N CYS A 463 22.99 13.75 17.99
CA CYS A 463 23.44 14.74 17.04
C CYS A 463 24.78 14.26 16.48
N ASN A 464 24.76 13.88 15.21
CA ASN A 464 25.94 13.34 14.56
C ASN A 464 26.18 14.15 13.30
N PRO A 465 27.20 15.02 13.31
CA PRO A 465 27.52 15.96 12.23
C PRO A 465 27.76 15.26 10.90
N GLU A 466 28.37 14.07 10.94
CA GLU A 466 28.63 13.30 9.72
C GLU A 466 27.35 12.85 9.02
N PHE A 467 26.30 12.66 9.82
CA PHE A 467 24.99 12.33 9.31
C PHE A 467 24.36 13.59 8.71
N ASP A 468 24.43 14.69 9.44
CA ASP A 468 23.85 15.94 8.94
C ASP A 468 24.46 16.36 7.62
N LEU A 469 25.75 16.04 7.45
CA LEU A 469 26.45 16.35 6.20
C LEU A 469 25.88 15.59 5.00
N LEU A 470 25.54 14.32 5.20
CA LEU A 470 24.92 13.51 4.15
C LEU A 470 23.56 14.10 3.70
N LEU A 471 22.78 14.58 4.65
CA LEU A 471 21.47 15.14 4.34
C LEU A 471 21.61 16.47 3.64
N THR A 472 22.60 17.26 4.06
CA THR A 472 22.86 18.53 3.40
C THR A 472 23.26 18.26 1.95
N LYS A 473 24.14 17.29 1.75
CA LYS A 473 24.53 16.94 0.39
C LYS A 473 23.37 16.42 -0.44
N ALA A 474 22.46 15.68 0.18
CA ALA A 474 21.31 15.18 -0.55
C ALA A 474 20.36 16.30 -0.96
N LEU A 475 20.47 17.45 -0.30
CA LEU A 475 19.59 18.57 -0.64
C LEU A 475 20.24 19.51 -1.63
N ASP A 476 21.55 19.35 -1.84
CA ASP A 476 22.29 20.25 -2.72
C ASP A 476 22.14 19.85 -4.19
N THR A 477 21.41 18.77 -4.43
CA THR A 477 21.17 18.31 -5.81
C THR A 477 19.71 17.89 -6.02
N THR A 478 19.24 18.11 -7.24
CA THR A 478 17.89 17.68 -7.61
C THR A 478 17.91 16.33 -8.33
N ASP A 479 19.09 15.88 -8.74
CA ASP A 479 19.25 14.57 -9.37
C ASP A 479 18.86 13.44 -8.41
N LEU A 480 17.79 12.72 -8.73
CA LEU A 480 17.27 11.69 -7.84
C LEU A 480 18.28 10.58 -7.55
N ASN A 481 19.07 10.22 -8.56
CA ASN A 481 20.06 9.18 -8.36
C ASN A 481 21.16 9.60 -7.39
N LEU A 482 21.56 10.86 -7.47
CA LEU A 482 22.59 11.39 -6.58
C LEU A 482 22.04 11.53 -5.17
N ARG A 483 20.82 12.03 -5.07
CA ARG A 483 20.13 12.10 -3.80
C ARG A 483 20.09 10.72 -3.17
N LYS A 484 19.69 9.71 -3.92
CA LYS A 484 19.61 8.36 -3.36
C LYS A 484 20.95 7.84 -2.80
N GLN A 485 22.06 8.14 -3.47
CA GLN A 485 23.37 7.73 -2.98
C GLN A 485 23.62 8.24 -1.56
N TYR A 486 23.27 9.48 -1.31
CA TYR A 486 23.40 10.06 0.02
C TYR A 486 22.43 9.45 1.03
N TYR A 487 21.19 9.26 0.63
CA TYR A 487 20.21 8.64 1.50
C TYR A 487 20.54 7.18 1.83
N ASP A 488 21.20 6.49 0.91
CA ASP A 488 21.66 5.12 1.16
C ASP A 488 22.70 5.14 2.27
N ALA A 489 23.63 6.09 2.16
CA ALA A 489 24.69 6.27 3.13
C ALA A 489 24.08 6.65 4.48
N ALA A 490 23.07 7.52 4.47
CA ALA A 490 22.39 7.91 5.70
C ALA A 490 21.66 6.71 6.32
N GLN A 491 21.03 5.90 5.47
CA GLN A 491 20.38 4.69 5.95
C GLN A 491 21.35 3.70 6.59
N SER A 492 22.55 3.54 6.02
CA SER A 492 23.55 2.64 6.58
C SER A 492 24.09 3.12 7.92
N MET A 493 24.38 4.40 8.02
CA MET A 493 24.82 5.01 9.26
C MET A 493 23.81 4.83 10.42
N ILE A 494 22.51 4.95 10.15
CA ILE A 494 21.51 4.74 11.20
C ILE A 494 21.53 3.29 11.69
N ILE A 495 21.61 2.36 10.76
CA ILE A 495 21.67 0.94 11.13
C ILE A 495 23.00 0.55 11.80
N GLU A 496 24.06 1.27 11.48
CA GLU A 496 25.37 0.98 12.07
C GLU A 496 25.50 1.55 13.47
N GLN A 497 24.91 2.73 13.69
CA GLN A 497 25.01 3.38 14.99
C GLN A 497 23.80 3.10 15.89
N LEU A 498 22.71 2.59 15.31
CA LEU A 498 21.47 2.35 16.03
C LEU A 498 21.06 3.44 17.03
N PRO A 499 20.95 4.71 16.59
CA PRO A 499 20.35 5.68 17.51
C PRO A 499 18.89 5.31 17.77
N LEU A 500 18.27 4.72 16.77
CA LEU A 500 16.94 4.15 16.94
C LEU A 500 16.90 2.90 16.08
N TYR A 501 15.97 2.02 16.39
CA TYR A 501 15.82 0.75 15.72
C TYR A 501 14.50 0.75 14.96
N PRO A 502 14.55 0.76 13.61
CA PRO A 502 13.30 0.73 12.83
C PRO A 502 12.61 -0.57 13.11
N ILE A 503 11.30 -0.54 13.34
CA ILE A 503 10.58 -1.77 13.66
C ILE A 503 9.68 -2.21 12.50
N ALA A 504 8.86 -1.29 11.99
CA ALA A 504 7.76 -1.63 11.10
C ALA A 504 7.15 -0.41 10.41
N HIS A 505 6.45 -0.66 9.31
CA HIS A 505 5.64 0.35 8.65
C HIS A 505 4.21 -0.12 8.67
N GLY A 506 3.26 0.77 8.95
CA GLY A 506 1.88 0.36 9.07
C GLY A 506 1.02 0.79 7.90
N MET A 507 -0.16 0.18 7.80
CA MET A 507 -1.17 0.65 6.87
C MET A 507 -1.99 1.75 7.54
N ARG A 508 -2.51 2.66 6.73
CA ARG A 508 -3.32 3.73 7.24
C ARG A 508 -4.77 3.29 7.26
N PHE A 509 -5.31 3.09 8.46
CA PHE A 509 -6.68 2.65 8.62
C PHE A 509 -7.58 3.80 9.02
N GLN A 510 -8.85 3.75 8.61
CA GLN A 510 -9.86 4.69 9.09
C GLN A 510 -11.20 4.00 8.95
N ALA A 511 -12.13 4.31 9.83
CA ALA A 511 -13.51 3.84 9.66
C ALA A 511 -14.48 4.99 9.59
N SER A 512 -15.52 4.82 8.80
CA SER A 512 -16.51 5.86 8.61
C SER A 512 -17.84 5.24 8.24
N SER A 513 -18.92 5.91 8.66
CA SER A 513 -20.25 5.58 8.20
C SER A 513 -20.30 5.51 6.67
N ALA A 514 -21.04 4.54 6.14
CA ALA A 514 -21.17 4.37 4.70
C ALA A 514 -21.89 5.56 4.06
N ASP A 515 -22.46 6.41 4.90
CA ASP A 515 -23.10 7.64 4.45
C ASP A 515 -22.11 8.71 4.00
N VAL A 516 -20.89 8.68 4.54
CA VAL A 516 -19.96 9.78 4.25
C VAL A 516 -19.00 9.47 3.10
N GLU A 517 -18.68 10.49 2.32
CA GLU A 517 -17.76 10.32 1.20
C GLU A 517 -16.89 11.55 1.13
N GLY A 518 -15.84 11.49 0.31
CA GLY A 518 -15.03 12.67 0.07
C GLY A 518 -13.90 12.92 1.05
N ILE A 519 -13.75 12.04 2.05
CA ILE A 519 -12.59 12.13 2.94
C ILE A 519 -11.36 11.67 2.19
N THR A 520 -10.24 12.35 2.37
CA THR A 520 -8.98 11.94 1.75
C THR A 520 -7.95 11.59 2.80
N LEU A 521 -7.30 10.44 2.61
CA LEU A 521 -6.22 10.00 3.51
C LEU A 521 -4.89 10.24 2.81
N GLY A 522 -4.47 9.26 2.02
CA GLY A 522 -3.25 9.39 1.24
C GLY A 522 -2.05 8.69 1.83
N PRO A 523 -1.03 8.50 0.99
CA PRO A 523 0.22 7.87 1.40
C PRO A 523 1.14 8.82 2.19
N PHE A 524 0.80 10.10 2.22
CA PHE A 524 1.50 11.07 3.07
C PHE A 524 0.52 12.15 3.52
N GLY A 525 0.87 12.91 4.54
CA GLY A 525 0.08 14.07 4.93
C GLY A 525 -1.12 13.82 5.82
N ALA A 526 -1.68 14.90 6.33
CA ALA A 526 -2.78 14.83 7.28
C ALA A 526 -4.13 14.53 6.62
N ILE A 527 -5.06 14.02 7.41
CA ILE A 527 -6.44 13.82 7.00
C ILE A 527 -7.04 15.11 6.48
N SER A 528 -7.89 15.01 5.46
CA SER A 528 -8.65 16.15 4.99
C SER A 528 -10.15 15.90 4.95
N LEU A 529 -10.91 16.73 5.65
CA LEU A 529 -12.36 16.70 5.59
C LEU A 529 -12.88 17.85 4.72
N ALA A 530 -11.99 18.47 3.95
CA ALA A 530 -12.35 19.63 3.12
C ALA A 530 -13.45 19.30 2.14
N ASN A 531 -13.40 18.08 1.61
CA ASN A 531 -14.44 17.62 0.68
C ASN A 531 -15.44 16.62 1.25
N ALA A 532 -15.37 16.38 2.55
CA ALA A 532 -16.25 15.41 3.19
C ALA A 532 -17.72 15.82 3.04
N ARG A 533 -18.59 14.83 2.88
CA ARG A 533 -20.02 15.10 2.77
C ARG A 533 -20.82 13.84 3.05
N LYS A 534 -22.13 14.00 3.24
CA LYS A 534 -22.97 12.85 3.53
C LYS A 534 -23.89 12.46 2.37
N LYS A 535 -24.42 11.24 2.44
CA LYS A 535 -25.30 10.70 1.41
C LYS A 535 -24.63 10.81 0.04
N GLN B 29 -30.70 1.10 -14.53
CA GLN B 29 -29.29 1.48 -14.52
C GLN B 29 -28.35 0.32 -14.92
N GLY B 30 -27.32 0.66 -15.67
CA GLY B 30 -26.34 -0.31 -16.14
C GLY B 30 -24.94 0.22 -15.86
N LEU B 31 -23.94 -0.57 -16.24
CA LEU B 31 -22.57 -0.17 -16.03
C LEU B 31 -21.70 -0.77 -17.11
N VAL B 32 -20.79 0.06 -17.63
CA VAL B 32 -19.86 -0.37 -18.66
C VAL B 32 -18.47 -0.32 -18.09
N TYR B 33 -17.82 -1.48 -18.04
CA TYR B 33 -16.44 -1.64 -17.62
C TYR B 33 -15.57 -1.85 -18.86
N CYS B 34 -14.62 -0.95 -19.08
CA CYS B 34 -13.61 -1.07 -20.13
C CYS B 34 -12.51 -2.07 -19.74
N ALA B 35 -12.55 -3.25 -20.34
CA ALA B 35 -11.63 -4.33 -19.99
C ALA B 35 -10.48 -4.37 -20.99
N GLU B 36 -9.34 -4.94 -20.57
CA GLU B 36 -8.14 -4.85 -21.40
C GLU B 36 -7.96 -6.02 -22.35
N ALA B 37 -8.77 -7.06 -22.21
CA ALA B 37 -8.60 -8.22 -23.05
C ALA B 37 -9.84 -9.11 -23.12
N ASN B 38 -9.88 -9.90 -24.18
CA ASN B 38 -10.96 -10.84 -24.43
C ASN B 38 -10.91 -11.99 -23.43
N PRO B 39 -12.08 -12.39 -22.89
CA PRO B 39 -12.12 -13.51 -21.96
C PRO B 39 -11.85 -14.82 -22.69
N VAL B 40 -10.97 -15.67 -22.17
CA VAL B 40 -10.61 -16.92 -22.84
C VAL B 40 -11.56 -18.05 -22.50
N SER B 41 -12.36 -17.86 -21.46
CA SER B 41 -13.34 -18.86 -21.05
C SER B 41 -14.39 -18.21 -20.15
N PHE B 42 -15.50 -18.90 -19.89
CA PHE B 42 -16.42 -18.44 -18.87
C PHE B 42 -16.35 -19.31 -17.63
N ASN B 43 -15.32 -20.12 -17.58
CA ASN B 43 -15.04 -20.91 -16.40
C ASN B 43 -13.62 -20.63 -15.89
N PRO B 44 -13.51 -20.03 -14.69
CA PRO B 44 -12.23 -19.64 -14.05
C PRO B 44 -11.26 -20.80 -13.85
N GLN B 45 -11.80 -22.01 -13.73
CA GLN B 45 -10.99 -23.21 -13.58
C GLN B 45 -9.95 -23.40 -14.68
N VAL B 46 -10.23 -22.94 -15.90
CA VAL B 46 -9.36 -23.31 -17.02
C VAL B 46 -8.30 -22.24 -17.32
N THR B 47 -8.16 -21.26 -16.44
CA THR B 47 -7.19 -20.18 -16.71
C THR B 47 -6.58 -19.59 -15.43
N THR B 48 -5.47 -18.87 -15.59
CA THR B 48 -4.92 -18.07 -14.51
C THR B 48 -4.80 -16.61 -14.95
N THR B 49 -5.36 -16.29 -16.11
CA THR B 49 -5.21 -14.97 -16.70
C THR B 49 -6.15 -13.96 -16.07
N GLY B 50 -5.59 -12.95 -15.41
CA GLY B 50 -6.36 -11.97 -14.66
C GLY B 50 -7.45 -11.26 -15.45
N SER B 51 -7.20 -10.99 -16.73
CA SER B 51 -8.16 -10.25 -17.56
C SER B 51 -9.44 -11.03 -17.68
N THR B 52 -9.31 -12.35 -17.79
CA THR B 52 -10.49 -13.22 -17.83
C THR B 52 -11.23 -13.26 -16.49
N ILE B 53 -10.48 -13.51 -15.41
CA ILE B 53 -11.02 -13.61 -14.06
C ILE B 53 -11.76 -12.34 -13.61
N ASP B 54 -11.20 -11.17 -13.90
CA ASP B 54 -11.86 -9.92 -13.55
C ASP B 54 -13.26 -9.85 -14.16
N ILE B 55 -13.38 -10.28 -15.40
CA ILE B 55 -14.69 -10.28 -16.05
C ILE B 55 -15.68 -11.26 -15.42
N ILE B 56 -15.27 -12.51 -15.20
CA ILE B 56 -16.24 -13.56 -14.87
C ILE B 56 -16.41 -13.98 -13.40
N ALA B 57 -15.33 -14.04 -12.62
CA ALA B 57 -15.37 -14.79 -11.38
C ALA B 57 -16.36 -14.30 -10.32
N ASN B 58 -16.23 -13.04 -9.91
CA ASN B 58 -17.11 -12.49 -8.87
C ASN B 58 -18.49 -12.09 -9.40
N GLN B 59 -18.60 -11.95 -10.71
CA GLN B 59 -19.86 -11.52 -11.31
C GLN B 59 -20.80 -12.70 -11.51
N LEU B 60 -20.29 -13.81 -12.04
CA LEU B 60 -21.15 -14.95 -12.40
C LEU B 60 -21.30 -15.98 -11.31
N TYR B 61 -20.32 -16.03 -10.41
CA TYR B 61 -20.20 -17.16 -9.50
C TYR B 61 -20.09 -16.74 -8.05
N ASP B 62 -20.16 -17.72 -7.17
CA ASP B 62 -19.70 -17.59 -5.79
C ASP B 62 -18.71 -18.72 -5.50
N ARG B 63 -17.84 -18.49 -4.52
CA ARG B 63 -16.98 -19.54 -4.00
C ARG B 63 -17.64 -20.10 -2.75
N LEU B 64 -17.05 -21.14 -2.18
CA LEU B 64 -17.42 -21.66 -0.87
C LEU B 64 -17.12 -20.65 0.24
N ILE B 65 -15.91 -20.12 0.19
CA ILE B 65 -15.44 -19.11 1.13
C ILE B 65 -14.57 -18.08 0.41
N SER B 66 -14.30 -16.98 1.09
CA SER B 66 -13.41 -15.95 0.57
C SER B 66 -12.53 -15.40 1.69
N ILE B 67 -11.63 -14.49 1.34
CA ILE B 67 -10.72 -13.89 2.31
C ILE B 67 -10.95 -12.38 2.33
N ASP B 68 -11.25 -11.85 3.51
CA ASP B 68 -11.59 -10.44 3.65
C ASP B 68 -10.37 -9.60 3.29
N PRO B 69 -10.55 -8.64 2.38
CA PRO B 69 -9.44 -7.83 1.87
C PRO B 69 -8.84 -6.88 2.92
N VAL B 70 -9.55 -6.56 4.00
CA VAL B 70 -8.94 -5.72 5.03
C VAL B 70 -8.36 -6.48 6.23
N THR B 71 -8.92 -7.64 6.56
CA THR B 71 -8.46 -8.39 7.74
C THR B 71 -7.75 -9.70 7.38
N ALA B 72 -7.95 -10.18 6.15
CA ALA B 72 -7.34 -11.42 5.67
C ALA B 72 -7.87 -12.64 6.43
N GLU B 73 -9.07 -12.49 7.00
CA GLU B 73 -9.70 -13.62 7.69
C GLU B 73 -10.63 -14.31 6.72
N PHE B 74 -10.88 -15.58 6.96
CA PHE B 74 -11.80 -16.32 6.11
C PHE B 74 -13.25 -15.89 6.35
N LYS B 75 -14.00 -15.83 5.27
CA LYS B 75 -15.36 -15.33 5.32
C LYS B 75 -16.32 -16.31 4.63
N SER B 76 -17.48 -16.53 5.24
CA SER B 76 -18.51 -17.38 4.69
C SER B 76 -19.00 -16.93 3.31
N GLU B 77 -19.27 -17.88 2.43
CA GLU B 77 -19.93 -17.58 1.16
C GLU B 77 -21.02 -18.56 0.74
N LEU B 78 -20.63 -19.72 0.21
CA LEU B 78 -21.63 -20.73 -0.14
C LEU B 78 -21.48 -21.75 1.00
N ALA B 79 -20.33 -21.72 1.66
CA ALA B 79 -20.13 -22.47 2.90
C ALA B 79 -20.40 -21.55 4.07
N THR B 80 -21.26 -22.00 4.97
CA THR B 80 -21.62 -21.23 6.16
C THR B 80 -20.68 -21.56 7.32
N ASP B 81 -19.88 -22.60 7.12
CA ASP B 81 -19.11 -23.21 8.19
C ASP B 81 -18.10 -24.16 7.57
N TRP B 82 -16.88 -24.15 8.08
CA TRP B 82 -15.86 -25.11 7.66
C TRP B 82 -15.08 -25.51 8.90
N LYS B 83 -14.72 -26.78 8.97
CA LYS B 83 -14.05 -27.32 10.14
C LYS B 83 -12.87 -28.20 9.72
N ILE B 84 -11.70 -27.93 10.27
CA ILE B 84 -10.51 -28.73 9.98
C ILE B 84 -10.23 -29.75 11.10
N SER B 85 -10.09 -31.01 10.73
CA SER B 85 -9.76 -32.06 11.69
C SER B 85 -8.42 -31.74 12.37
N LYS B 86 -8.14 -32.38 13.50
N LYS B 86 -8.18 -32.41 13.49
CA LYS B 86 -6.90 -32.09 14.21
CA LYS B 86 -6.95 -32.26 14.27
C LYS B 86 -5.66 -32.51 13.42
C LYS B 86 -5.73 -32.51 13.42
N ASP B 87 -5.77 -33.58 12.63
CA ASP B 87 -4.63 -33.98 11.82
C ASP B 87 -4.51 -33.14 10.55
N GLY B 88 -5.51 -32.29 10.32
CA GLY B 88 -5.48 -31.38 9.19
C GLY B 88 -5.72 -32.05 7.85
N LYS B 89 -6.22 -33.28 7.88
CA LYS B 89 -6.44 -34.03 6.65
C LYS B 89 -7.90 -34.15 6.20
N SER B 90 -8.83 -33.64 7.00
CA SER B 90 -10.24 -33.56 6.60
C SER B 90 -10.74 -32.14 6.77
N VAL B 91 -11.50 -31.64 5.81
CA VAL B 91 -12.08 -30.32 5.95
C VAL B 91 -13.53 -30.42 5.59
N THR B 92 -14.40 -30.12 6.56
CA THR B 92 -15.85 -30.28 6.38
C THR B 92 -16.49 -28.91 6.11
N PHE B 93 -17.24 -28.80 5.02
CA PHE B 93 -17.98 -27.58 4.69
C PHE B 93 -19.47 -27.81 4.83
N THR B 94 -20.12 -26.92 5.55
CA THR B 94 -21.57 -26.92 5.62
C THR B 94 -22.07 -25.91 4.61
N LEU B 95 -23.09 -26.29 3.85
CA LEU B 95 -23.50 -25.50 2.70
C LEU B 95 -24.80 -24.77 2.89
N ARG B 96 -24.78 -23.50 2.53
CA ARG B 96 -25.94 -22.61 2.53
C ARG B 96 -27.12 -23.20 1.79
N LYS B 97 -28.29 -23.19 2.43
CA LYS B 97 -29.52 -23.60 1.75
C LYS B 97 -30.21 -22.42 1.05
N GLY B 98 -31.09 -22.73 0.10
CA GLY B 98 -31.89 -21.71 -0.57
C GLY B 98 -31.17 -20.97 -1.68
N VAL B 99 -30.08 -21.53 -2.19
CA VAL B 99 -29.31 -20.89 -3.24
C VAL B 99 -29.73 -21.40 -4.63
N LYS B 100 -29.93 -20.49 -5.56
CA LYS B 100 -30.41 -20.86 -6.89
C LYS B 100 -29.32 -20.65 -7.92
N PHE B 101 -29.16 -21.64 -8.80
CA PHE B 101 -28.38 -21.46 -10.01
C PHE B 101 -29.19 -20.61 -10.99
N HIS B 102 -28.50 -19.97 -11.92
CA HIS B 102 -29.10 -19.08 -12.92
C HIS B 102 -30.10 -19.79 -13.82
N THR B 103 -31.17 -19.09 -14.16
CA THR B 103 -31.98 -19.43 -15.31
C THR B 103 -31.46 -18.62 -16.50
N THR B 104 -31.00 -19.31 -17.55
CA THR B 104 -30.46 -18.64 -18.71
C THR B 104 -31.25 -19.00 -19.96
N ALA B 105 -30.82 -18.50 -21.10
CA ALA B 105 -31.49 -18.83 -22.36
C ALA B 105 -31.29 -20.29 -22.73
N TYR B 106 -30.30 -20.92 -22.10
CA TYR B 106 -29.93 -22.29 -22.43
C TYR B 106 -30.07 -23.27 -21.26
N PHE B 107 -30.50 -22.80 -20.10
CA PHE B 107 -30.63 -23.70 -18.96
C PHE B 107 -31.65 -23.23 -17.93
N THR B 108 -32.44 -24.19 -17.43
CA THR B 108 -33.35 -23.92 -16.33
C THR B 108 -33.14 -24.97 -15.24
N PRO B 109 -32.69 -24.53 -14.05
CA PRO B 109 -32.46 -25.46 -12.94
C PRO B 109 -33.76 -26.06 -12.42
N THR B 110 -33.66 -27.25 -11.86
CA THR B 110 -34.80 -27.96 -11.34
C THR B 110 -34.60 -28.25 -9.85
N ARG B 111 -33.43 -27.85 -9.34
CA ARG B 111 -33.15 -27.94 -7.92
C ARG B 111 -32.18 -26.84 -7.52
N GLU B 112 -32.13 -26.53 -6.23
CA GLU B 112 -31.20 -25.54 -5.70
C GLU B 112 -29.83 -26.15 -5.47
N PHE B 113 -28.87 -25.29 -5.13
CA PHE B 113 -27.47 -25.68 -4.92
C PHE B 113 -27.34 -26.62 -3.74
N ASN B 114 -26.55 -27.68 -3.93
CA ASN B 114 -26.30 -28.64 -2.86
C ASN B 114 -24.89 -29.25 -2.91
N ALA B 115 -24.66 -30.25 -2.09
CA ALA B 115 -23.38 -30.91 -1.99
C ALA B 115 -22.90 -31.50 -3.33
N ASP B 116 -23.85 -31.99 -4.13
CA ASP B 116 -23.52 -32.61 -5.42
C ASP B 116 -22.80 -31.65 -6.34
N ASP B 117 -23.19 -30.39 -6.32
CA ASP B 117 -22.51 -29.36 -7.09
C ASP B 117 -21.06 -29.18 -6.67
N VAL B 118 -20.82 -29.18 -5.36
CA VAL B 118 -19.47 -28.99 -4.85
C VAL B 118 -18.59 -30.19 -5.21
N ILE B 119 -19.13 -31.39 -5.05
CA ILE B 119 -18.38 -32.60 -5.37
C ILE B 119 -18.04 -32.64 -6.86
N PHE B 120 -19.02 -32.34 -7.71
CA PHE B 120 -18.79 -32.32 -9.14
C PHE B 120 -17.76 -31.26 -9.50
N THR B 121 -17.91 -30.08 -8.91
CA THR B 121 -17.03 -28.95 -9.24
C THR B 121 -15.56 -29.24 -8.95
N PHE B 122 -15.25 -29.69 -7.74
CA PHE B 122 -13.85 -29.89 -7.40
C PHE B 122 -13.26 -31.23 -7.82
N SER B 123 -14.08 -32.27 -7.88
CA SER B 123 -13.60 -33.57 -8.34
C SER B 123 -13.24 -33.50 -9.83
N ARG B 124 -13.91 -32.61 -10.57
CA ARG B 124 -13.51 -32.37 -11.96
C ARG B 124 -12.03 -32.03 -12.09
N LEU B 125 -11.50 -31.32 -11.11
CA LEU B 125 -10.11 -30.86 -11.14
C LEU B 125 -9.06 -31.96 -10.96
N PHE B 126 -9.38 -33.01 -10.22
CA PHE B 126 -8.39 -34.00 -9.85
C PHE B 126 -8.79 -35.46 -10.10
N ASP B 127 -10.09 -35.72 -10.23
CA ASP B 127 -10.62 -37.09 -10.27
C ASP B 127 -10.89 -37.60 -11.70
N VAL B 128 -10.07 -38.53 -12.18
CA VAL B 128 -10.28 -39.08 -13.53
C VAL B 128 -11.61 -39.80 -13.70
N TYR B 129 -12.28 -40.10 -12.58
CA TYR B 129 -13.58 -40.77 -12.66
C TYR B 129 -14.68 -39.76 -12.95
N ASN B 130 -14.38 -38.47 -12.78
CA ASN B 130 -15.34 -37.45 -13.15
C ASN B 130 -15.27 -37.30 -14.66
N PRO B 131 -16.38 -37.59 -15.33
CA PRO B 131 -16.37 -37.53 -16.80
C PRO B 131 -15.89 -36.18 -17.32
N TYR B 132 -16.18 -35.09 -16.61
CA TYR B 132 -15.75 -33.75 -17.07
C TYR B 132 -14.28 -33.44 -16.85
N HIS B 133 -13.57 -34.27 -16.10
CA HIS B 133 -12.12 -34.05 -15.91
C HIS B 133 -11.40 -33.80 -17.23
N PHE B 134 -11.75 -34.57 -18.26
CA PHE B 134 -11.05 -34.52 -19.55
C PHE B 134 -11.68 -33.56 -20.53
N VAL B 135 -12.78 -32.95 -20.13
CA VAL B 135 -13.43 -31.94 -20.97
C VAL B 135 -12.55 -30.70 -21.07
N GLY B 136 -11.94 -30.50 -22.23
CA GLY B 136 -11.02 -29.40 -22.42
C GLY B 136 -9.59 -29.78 -22.07
N ASP B 137 -9.17 -30.94 -22.58
CA ASP B 137 -7.82 -31.45 -22.35
C ASP B 137 -7.39 -31.35 -20.89
N ALA B 138 -8.33 -31.50 -19.97
CA ALA B 138 -8.05 -31.48 -18.54
C ALA B 138 -7.07 -30.39 -18.15
N ASN B 139 -7.33 -29.16 -18.62
CA ASN B 139 -6.46 -28.04 -18.33
C ASN B 139 -7.02 -27.14 -17.22
N TYR B 140 -6.46 -27.27 -16.01
CA TYR B 140 -6.88 -26.50 -14.85
C TYR B 140 -5.62 -25.92 -14.24
N PRO B 141 -5.07 -24.91 -14.92
CA PRO B 141 -3.68 -24.50 -14.68
C PRO B 141 -3.39 -24.06 -13.23
N TYR B 142 -4.28 -23.31 -12.58
CA TYR B 142 -3.97 -22.93 -11.19
C TYR B 142 -3.87 -24.18 -10.30
N PHE B 143 -4.87 -25.04 -10.40
CA PHE B 143 -4.93 -26.19 -9.53
C PHE B 143 -3.84 -27.20 -9.82
N GLN B 144 -3.48 -27.33 -11.08
CA GLN B 144 -2.41 -28.21 -11.47
C GLN B 144 -1.07 -27.65 -11.00
N SER B 145 -0.91 -26.33 -11.03
CA SER B 145 0.30 -25.70 -10.48
C SER B 145 0.48 -25.95 -8.98
N VAL B 146 -0.62 -26.03 -8.23
CA VAL B 146 -0.52 -26.27 -6.79
C VAL B 146 -0.69 -27.75 -6.43
N GLY B 147 -0.64 -28.62 -7.44
CA GLY B 147 -0.66 -30.07 -7.22
C GLY B 147 -1.98 -30.64 -6.72
N ILE B 148 -3.11 -30.13 -7.20
CA ILE B 148 -4.43 -30.54 -6.68
C ILE B 148 -4.64 -32.06 -6.63
N ASP B 149 -4.14 -32.78 -7.64
CA ASP B 149 -4.30 -34.23 -7.66
C ASP B 149 -3.40 -34.93 -6.65
N GLN B 150 -2.37 -34.22 -6.15
CA GLN B 150 -1.59 -34.79 -5.04
C GLN B 150 -2.16 -34.35 -3.69
N LEU B 151 -3.25 -33.60 -3.70
CA LEU B 151 -3.76 -33.04 -2.46
C LEU B 151 -5.07 -33.70 -2.00
N ILE B 152 -6.10 -33.59 -2.84
CA ILE B 152 -7.41 -34.15 -2.52
C ILE B 152 -7.51 -35.62 -2.92
N ARG B 153 -7.69 -36.49 -1.93
CA ARG B 153 -8.01 -37.90 -2.21
C ARG B 153 -9.47 -38.08 -2.58
N LYS B 154 -10.38 -37.56 -1.76
CA LYS B 154 -11.81 -37.63 -2.09
C LYS B 154 -12.65 -36.56 -1.42
N ILE B 155 -13.82 -36.33 -2.00
CA ILE B 155 -14.78 -35.44 -1.39
C ILE B 155 -16.00 -36.28 -1.01
N VAL B 156 -16.26 -36.38 0.29
CA VAL B 156 -17.34 -37.21 0.81
C VAL B 156 -18.64 -36.43 0.89
N ARG B 157 -19.72 -37.02 0.40
CA ARG B 157 -21.02 -36.38 0.52
C ARG B 157 -21.69 -36.77 1.83
N VAL B 158 -21.49 -36.00 2.90
CA VAL B 158 -22.11 -36.41 4.16
C VAL B 158 -23.63 -36.18 4.18
N SER B 159 -24.12 -35.17 3.48
CA SER B 159 -25.57 -34.97 3.34
C SER B 159 -25.87 -33.98 2.22
N ASP B 160 -27.13 -33.63 2.02
CA ASP B 160 -27.47 -32.71 0.94
C ASP B 160 -26.72 -31.39 1.04
N HIS B 161 -26.32 -31.01 2.24
CA HIS B 161 -25.72 -29.71 2.46
C HIS B 161 -24.45 -29.75 3.31
N GLN B 162 -23.76 -30.88 3.23
CA GLN B 162 -22.47 -31.00 3.89
C GLN B 162 -21.54 -31.93 3.11
N VAL B 163 -20.32 -31.46 2.84
CA VAL B 163 -19.30 -32.29 2.19
C VAL B 163 -18.02 -32.29 3.01
N ARG B 164 -17.25 -33.37 2.91
CA ARG B 164 -15.96 -33.45 3.58
C ARG B 164 -14.83 -33.82 2.62
N PHE B 165 -13.93 -32.87 2.39
CA PHE B 165 -12.71 -33.08 1.61
C PHE B 165 -11.71 -33.90 2.42
N GLU B 166 -11.21 -34.99 1.84
CA GLU B 166 -10.19 -35.81 2.48
C GLU B 166 -8.89 -35.67 1.71
N LEU B 167 -7.84 -35.24 2.40
CA LEU B 167 -6.58 -34.94 1.76
C LEU B 167 -5.55 -36.04 2.00
N PHE B 168 -4.59 -36.18 1.07
CA PHE B 168 -3.53 -37.15 1.27
C PHE B 168 -2.63 -36.65 2.39
N ASN B 169 -2.46 -35.33 2.43
CA ASN B 169 -1.63 -34.66 3.43
C ASN B 169 -2.23 -33.34 3.89
N ALA B 170 -1.85 -32.91 5.08
CA ALA B 170 -2.21 -31.58 5.55
C ALA B 170 -1.41 -30.54 4.74
N GLU B 171 -2.11 -29.60 4.11
CA GLU B 171 -1.42 -28.47 3.47
C GLU B 171 -1.95 -27.20 4.08
N SER B 172 -1.04 -26.36 4.59
CA SER B 172 -1.45 -25.16 5.31
C SER B 172 -2.06 -24.11 4.41
N SER B 173 -1.98 -24.34 3.10
CA SER B 173 -2.50 -23.37 2.12
C SER B 173 -3.85 -23.81 1.56
N PHE B 174 -4.33 -24.96 1.99
CA PHE B 174 -5.55 -25.52 1.41
C PHE B 174 -6.76 -24.59 1.41
N LEU B 175 -7.08 -23.98 2.56
CA LEU B 175 -8.27 -23.15 2.63
C LEU B 175 -8.08 -21.91 1.76
N ALA B 176 -6.84 -21.44 1.70
CA ALA B 176 -6.52 -20.29 0.87
C ALA B 176 -6.78 -20.61 -0.61
N ASN B 177 -6.41 -21.82 -1.03
CA ASN B 177 -6.68 -22.21 -2.40
C ASN B 177 -8.18 -22.31 -2.68
N MET B 178 -8.95 -22.75 -1.68
CA MET B 178 -10.40 -22.83 -1.83
C MET B 178 -11.05 -21.45 -1.83
N ALA B 179 -10.28 -20.40 -1.54
CA ALA B 179 -10.79 -19.03 -1.52
C ALA B 179 -10.34 -18.25 -2.74
N THR B 180 -9.62 -18.87 -3.64
CA THR B 180 -9.17 -18.18 -4.85
C THR B 180 -10.37 -18.00 -5.78
N ASP B 181 -10.30 -17.02 -6.66
CA ASP B 181 -11.34 -16.81 -7.68
C ASP B 181 -11.42 -17.97 -8.65
N PHE B 182 -10.47 -18.90 -8.55
CA PHE B 182 -10.48 -20.06 -9.44
C PHE B 182 -11.45 -21.12 -8.94
N ALA B 183 -11.70 -21.10 -7.63
CA ALA B 183 -12.48 -22.13 -6.95
C ALA B 183 -13.98 -21.80 -6.89
N VAL B 184 -14.56 -21.39 -8.01
CA VAL B 184 -15.99 -21.12 -8.05
C VAL B 184 -16.75 -22.43 -8.02
N VAL B 185 -18.03 -22.34 -7.73
CA VAL B 185 -18.91 -23.50 -7.70
C VAL B 185 -19.76 -23.49 -8.97
N LEU B 186 -19.88 -24.67 -9.58
CA LEU B 186 -20.54 -24.84 -10.87
C LEU B 186 -21.77 -25.74 -10.70
N SER B 187 -22.61 -25.77 -11.73
CA SER B 187 -23.84 -26.55 -11.70
C SER B 187 -23.64 -27.96 -12.24
N LYS B 188 -23.72 -28.95 -11.35
CA LYS B 188 -23.71 -30.34 -11.80
C LYS B 188 -24.92 -30.70 -12.70
N GLU B 189 -26.10 -30.16 -12.39
CA GLU B 189 -27.29 -30.43 -13.18
C GLU B 189 -27.16 -29.95 -14.63
N TYR B 190 -26.63 -28.75 -14.80
CA TYR B 190 -26.30 -28.21 -16.13
C TYR B 190 -25.27 -29.11 -16.84
N ALA B 191 -24.21 -29.47 -16.12
CA ALA B 191 -23.19 -30.35 -16.65
C ALA B 191 -23.80 -31.67 -17.13
N MET B 192 -24.63 -32.29 -16.29
CA MET B 192 -25.29 -33.53 -16.69
C MET B 192 -26.27 -33.38 -17.84
N ALA B 193 -26.99 -32.25 -17.90
CA ALA B 193 -27.91 -32.02 -19.01
C ALA B 193 -27.15 -31.95 -20.32
N LEU B 194 -25.97 -31.33 -20.29
CA LEU B 194 -25.13 -31.20 -21.47
C LEU B 194 -24.57 -32.54 -21.89
N LYS B 195 -24.18 -33.33 -20.90
CA LYS B 195 -23.60 -34.63 -21.10
C LYS B 195 -24.59 -35.59 -21.77
N ALA B 196 -25.86 -35.43 -21.43
CA ALA B 196 -26.91 -36.23 -22.04
C ALA B 196 -26.95 -36.01 -23.55
N ASN B 197 -26.58 -34.82 -23.99
CA ASN B 197 -26.62 -34.48 -25.41
C ASN B 197 -25.23 -34.39 -26.04
N ASN B 198 -24.24 -34.99 -25.38
CA ASN B 198 -22.87 -34.90 -25.82
C ASN B 198 -22.46 -33.46 -26.11
N GLN B 199 -22.93 -32.53 -25.29
CA GLN B 199 -22.60 -31.13 -25.47
C GLN B 199 -21.66 -30.58 -24.41
N GLU B 200 -20.79 -31.43 -23.88
CA GLU B 200 -19.89 -31.06 -22.78
C GLU B 200 -19.04 -29.84 -23.10
N ASN B 201 -18.70 -29.69 -24.38
CA ASN B 201 -17.87 -28.59 -24.84
C ASN B 201 -18.50 -27.22 -24.62
N LEU B 202 -19.79 -27.19 -24.35
CA LEU B 202 -20.49 -25.91 -24.14
C LEU B 202 -20.37 -25.39 -22.71
N PHE B 203 -20.14 -26.32 -21.79
CA PHE B 203 -20.21 -26.06 -20.34
C PHE B 203 -19.37 -24.86 -19.92
N ASP B 204 -18.17 -24.76 -20.51
CA ASP B 204 -17.20 -23.74 -20.16
C ASP B 204 -17.40 -22.45 -20.94
N GLN B 205 -18.16 -22.51 -22.04
CA GLN B 205 -18.39 -21.33 -22.87
C GLN B 205 -19.70 -20.65 -22.52
N TYR B 206 -20.68 -21.44 -22.09
CA TYR B 206 -21.98 -20.88 -21.72
C TYR B 206 -22.25 -21.14 -20.25
N PRO B 207 -21.94 -20.15 -19.41
CA PRO B 207 -21.87 -20.32 -17.97
C PRO B 207 -23.21 -20.41 -17.25
N VAL B 208 -23.22 -21.21 -16.18
CA VAL B 208 -24.29 -21.20 -15.19
C VAL B 208 -23.62 -21.08 -13.83
N GLY B 209 -24.02 -20.07 -13.04
CA GLY B 209 -23.48 -19.91 -11.70
C GLY B 209 -24.55 -19.49 -10.71
N THR B 210 -24.13 -19.12 -9.50
CA THR B 210 -25.06 -18.68 -8.46
C THR B 210 -24.85 -17.19 -8.16
N GLY B 211 -23.87 -16.59 -8.84
CA GLY B 211 -23.47 -15.22 -8.56
C GLY B 211 -24.48 -14.17 -8.97
N PRO B 212 -24.13 -12.89 -8.73
CA PRO B 212 -25.08 -11.76 -8.82
C PRO B 212 -25.50 -11.41 -10.25
N TYR B 213 -24.71 -11.86 -11.23
CA TYR B 213 -25.02 -11.59 -12.63
C TYR B 213 -25.12 -12.85 -13.47
N ILE B 214 -25.76 -12.71 -14.62
CA ILE B 214 -26.14 -13.83 -15.49
C ILE B 214 -25.66 -13.58 -16.91
N TYR B 215 -25.07 -14.57 -17.53
CA TYR B 215 -24.60 -14.44 -18.91
C TYR B 215 -25.77 -14.15 -19.84
N LYS B 216 -25.66 -13.07 -20.61
CA LYS B 216 -26.66 -12.72 -21.62
C LYS B 216 -26.05 -12.87 -23.00
N GLU B 217 -24.90 -12.24 -23.21
CA GLU B 217 -24.31 -12.19 -24.54
C GLU B 217 -22.80 -12.04 -24.52
N TYR B 218 -22.16 -12.58 -25.55
CA TYR B 218 -20.73 -12.44 -25.73
C TYR B 218 -20.37 -12.31 -27.21
N ARG B 219 -19.72 -11.20 -27.56
CA ARG B 219 -19.27 -11.00 -28.92
C ARG B 219 -17.75 -10.93 -28.86
N ARG B 220 -17.09 -11.96 -29.39
N ARG B 220 -17.09 -11.96 -29.40
CA ARG B 220 -15.65 -12.11 -29.21
CA ARG B 220 -15.65 -12.09 -29.26
C ARG B 220 -14.89 -10.84 -29.57
C ARG B 220 -14.93 -10.79 -29.54
N ASP B 221 -13.98 -10.44 -28.68
CA ASP B 221 -13.14 -9.27 -28.90
C ASP B 221 -13.90 -7.95 -28.90
N HIS B 222 -15.15 -7.96 -28.48
CA HIS B 222 -15.97 -6.76 -28.56
C HIS B 222 -16.62 -6.40 -27.23
N LEU B 223 -17.59 -7.21 -26.81
CA LEU B 223 -18.24 -6.94 -25.54
C LEU B 223 -18.72 -8.23 -24.88
N VAL B 224 -18.91 -8.16 -23.57
CA VAL B 224 -19.63 -9.21 -22.87
C VAL B 224 -20.76 -8.56 -22.04
N ARG B 225 -21.95 -9.14 -22.12
CA ARG B 225 -23.11 -8.54 -21.49
C ARG B 225 -23.71 -9.49 -20.44
N PHE B 226 -23.85 -8.99 -19.21
CA PHE B 226 -24.46 -9.74 -18.12
C PHE B 226 -25.75 -9.04 -17.65
N TYR B 227 -26.74 -9.83 -17.24
N TYR B 227 -26.75 -9.80 -17.24
CA TYR B 227 -27.94 -9.26 -16.60
CA TYR B 227 -27.88 -9.17 -16.59
C TYR B 227 -27.95 -9.54 -15.10
C TYR B 227 -28.06 -9.61 -15.13
N LYS B 228 -28.77 -8.78 -14.38
CA LYS B 228 -28.94 -8.97 -12.95
C LYS B 228 -29.60 -10.30 -12.61
N ASN B 229 -29.07 -10.99 -11.60
CA ASN B 229 -29.68 -12.18 -11.03
C ASN B 229 -30.73 -11.72 -10.02
N ALA B 230 -32.01 -11.78 -10.39
CA ALA B 230 -33.08 -11.32 -9.52
C ALA B 230 -33.21 -12.17 -8.25
N ASP B 231 -32.72 -13.40 -8.30
CA ASP B 231 -32.83 -14.29 -7.15
C ASP B 231 -31.54 -14.45 -6.34
N TYR B 232 -30.58 -13.56 -6.56
CA TYR B 232 -29.29 -13.65 -5.86
C TYR B 232 -29.48 -13.73 -4.34
N TRP B 233 -28.82 -14.71 -3.74
CA TRP B 233 -28.96 -15.01 -2.30
C TRP B 233 -28.34 -13.98 -1.36
N LYS B 234 -27.20 -13.40 -1.71
CA LYS B 234 -26.48 -12.58 -0.73
C LYS B 234 -27.14 -11.24 -0.48
N HIS B 235 -27.59 -10.56 -1.53
CA HIS B 235 -28.18 -9.24 -1.39
C HIS B 235 -28.88 -8.90 -2.68
N GLU B 236 -29.64 -7.81 -2.65
CA GLU B 236 -30.35 -7.35 -3.83
C GLU B 236 -29.36 -6.70 -4.79
N VAL B 237 -29.30 -7.21 -6.02
CA VAL B 237 -28.31 -6.73 -6.98
C VAL B 237 -28.74 -5.37 -7.50
N ALA B 238 -27.84 -4.40 -7.45
CA ALA B 238 -28.18 -3.01 -7.76
C ALA B 238 -28.24 -2.66 -9.26
N LEU B 239 -27.37 -3.25 -10.06
CA LEU B 239 -27.35 -2.95 -11.49
C LEU B 239 -28.20 -3.90 -12.32
N GLU B 240 -29.01 -3.35 -13.23
CA GLU B 240 -29.81 -4.19 -14.10
C GLU B 240 -28.91 -4.90 -15.11
N GLN B 241 -27.89 -4.21 -15.57
CA GLN B 241 -27.10 -4.67 -16.68
C GLN B 241 -25.64 -4.31 -16.48
N LEU B 242 -24.77 -5.22 -16.87
CA LEU B 242 -23.34 -5.03 -16.74
C LEU B 242 -22.74 -5.28 -18.11
N VAL B 243 -22.05 -4.28 -18.67
CA VAL B 243 -21.36 -4.53 -19.93
C VAL B 243 -19.85 -4.42 -19.79
N TYR B 244 -19.15 -5.42 -20.31
CA TYR B 244 -17.71 -5.32 -20.42
C TYR B 244 -17.31 -4.98 -21.85
N ASP B 245 -16.72 -3.80 -22.01
CA ASP B 245 -16.26 -3.30 -23.30
C ASP B 245 -14.78 -3.65 -23.53
N ILE B 246 -14.53 -4.63 -24.39
CA ILE B 246 -13.18 -5.13 -24.66
C ILE B 246 -12.34 -4.10 -25.43
N THR B 247 -11.46 -3.39 -24.71
CA THR B 247 -10.62 -2.35 -25.30
C THR B 247 -9.14 -2.52 -24.94
N PRO B 248 -8.38 -3.26 -25.77
CA PRO B 248 -6.96 -3.55 -25.50
C PRO B 248 -6.09 -2.32 -25.39
N ASN B 249 -6.39 -1.28 -26.16
CA ASN B 249 -5.52 -0.11 -26.12
C ASN B 249 -5.75 0.76 -24.86
N GLY B 250 -4.73 0.86 -24.01
CA GLY B 250 -4.83 1.59 -22.75
C GLY B 250 -5.28 3.03 -22.89
N THR B 251 -4.69 3.79 -23.80
CA THR B 251 -5.12 5.18 -23.95
C THR B 251 -6.55 5.28 -24.48
N THR B 252 -6.99 4.28 -25.24
CA THR B 252 -8.40 4.25 -25.69
C THR B 252 -9.34 4.08 -24.49
N ARG B 253 -8.92 3.33 -23.48
CA ARG B 253 -9.75 3.15 -22.29
C ARG B 253 -9.81 4.45 -21.50
N ILE B 254 -8.74 5.24 -21.58
CA ILE B 254 -8.76 6.58 -20.99
C ILE B 254 -9.75 7.49 -21.72
N ALA B 255 -9.71 7.46 -23.05
CA ALA B 255 -10.61 8.31 -23.81
C ALA B 255 -12.06 7.92 -23.52
N LYS B 256 -12.34 6.62 -23.42
CA LYS B 256 -13.70 6.17 -23.17
C LYS B 256 -14.24 6.56 -21.79
N ILE B 257 -13.42 6.54 -20.75
CA ILE B 257 -13.95 6.96 -19.46
C ILE B 257 -14.12 8.48 -19.37
N LEU B 258 -13.24 9.23 -20.02
CA LEU B 258 -13.35 10.69 -20.02
C LEU B 258 -14.67 11.15 -20.65
N THR B 259 -15.08 10.48 -21.71
CA THR B 259 -16.28 10.83 -22.46
C THR B 259 -17.53 10.07 -22.02
N LYS B 260 -17.39 9.22 -20.99
CA LYS B 260 -18.53 8.52 -20.44
C LYS B 260 -19.00 7.27 -21.20
N GLU B 261 -18.26 6.83 -22.21
CA GLU B 261 -18.61 5.55 -22.84
C GLU B 261 -18.37 4.36 -21.90
N CYS B 262 -17.34 4.46 -21.05
CA CYS B 262 -17.13 3.51 -19.95
C CYS B 262 -17.37 4.21 -18.60
N ASP B 263 -17.82 3.46 -17.59
CA ASP B 263 -17.98 4.01 -16.24
C ASP B 263 -16.79 3.62 -15.33
N VAL B 264 -16.03 2.62 -15.77
CA VAL B 264 -14.86 2.12 -15.05
C VAL B 264 -13.82 1.68 -16.06
N THR B 265 -12.57 2.06 -15.84
CA THR B 265 -11.51 1.67 -16.75
C THR B 265 -10.47 0.85 -16.01
N ALA B 266 -10.23 -0.34 -16.51
CA ALA B 266 -9.21 -1.22 -15.95
C ALA B 266 -7.83 -0.76 -16.37
N HIS B 267 -6.86 -1.01 -15.49
CA HIS B 267 -5.44 -0.70 -15.72
C HIS B 267 -5.18 0.58 -16.50
N PRO B 268 -5.55 1.73 -15.94
CA PRO B 268 -5.37 3.03 -16.59
C PRO B 268 -3.92 3.33 -16.92
N SER B 269 -3.68 3.83 -18.13
CA SER B 269 -2.31 4.17 -18.56
C SER B 269 -1.67 5.29 -17.72
N SER B 270 -0.45 5.02 -17.27
CA SER B 270 0.30 5.91 -16.39
C SER B 270 0.34 7.35 -16.85
N ALA B 271 0.57 7.54 -18.14
CA ALA B 271 0.76 8.87 -18.67
C ALA B 271 -0.52 9.70 -18.54
N GLN B 272 -1.67 9.07 -18.37
CA GLN B 272 -2.90 9.84 -18.18
C GLN B 272 -3.40 9.90 -16.73
N LEU B 273 -2.69 9.25 -15.82
CA LEU B 273 -3.05 9.32 -14.40
C LEU B 273 -3.25 10.77 -13.98
N SER B 274 -2.37 11.64 -14.47
CA SER B 274 -2.45 13.07 -14.17
C SER B 274 -3.77 13.73 -14.60
N ILE B 275 -4.16 13.53 -15.86
CA ILE B 275 -5.43 14.07 -16.36
C ILE B 275 -6.62 13.54 -15.54
N LEU B 276 -6.61 12.25 -15.24
CA LEU B 276 -7.67 11.62 -14.43
C LEU B 276 -7.75 12.16 -13.00
N ALA B 277 -6.59 12.31 -12.38
CA ALA B 277 -6.52 12.86 -11.03
C ALA B 277 -7.17 14.25 -10.95
N GLN B 278 -6.98 15.07 -11.99
CA GLN B 278 -7.49 16.44 -12.02
C GLN B 278 -9.00 16.52 -12.14
N ARG B 279 -9.62 15.58 -12.85
CA ARG B 279 -11.07 15.62 -13.06
C ARG B 279 -11.84 15.43 -11.76
N ASP B 280 -12.83 16.27 -11.52
CA ASP B 280 -13.71 16.11 -10.36
C ASP B 280 -14.71 14.99 -10.58
N ASP B 281 -14.94 14.63 -11.83
CA ASP B 281 -15.92 13.58 -12.15
C ASP B 281 -15.32 12.17 -12.25
N ILE B 282 -14.02 12.05 -11.95
CA ILE B 282 -13.34 10.76 -11.96
C ILE B 282 -12.69 10.49 -10.60
N ASN B 283 -12.87 9.27 -10.09
CA ASN B 283 -12.12 8.81 -8.93
C ASN B 283 -10.97 7.96 -9.41
N VAL B 284 -9.84 8.08 -8.73
CA VAL B 284 -8.72 7.22 -9.05
C VAL B 284 -8.27 6.49 -7.78
N GLU B 285 -8.29 5.17 -7.87
CA GLU B 285 -7.88 4.27 -6.81
C GLU B 285 -6.39 4.00 -6.97
N ARG B 286 -5.67 3.98 -5.85
CA ARG B 286 -4.25 3.63 -5.85
C ARG B 286 -4.00 2.79 -4.59
N GLU B 287 -4.07 1.47 -4.71
CA GLU B 287 -4.08 0.58 -3.52
C GLU B 287 -2.80 -0.25 -3.39
N THR B 288 -2.41 -0.56 -2.16
CA THR B 288 -1.33 -1.52 -1.94
C THR B 288 -1.82 -2.85 -2.45
N ASN B 289 -0.89 -3.68 -2.90
CA ASN B 289 -1.26 -4.95 -3.51
C ASN B 289 -0.10 -5.92 -3.57
N LEU B 290 -0.40 -7.18 -3.26
CA LEU B 290 0.59 -8.25 -3.33
C LEU B 290 0.83 -8.67 -4.79
N ASN B 291 1.97 -8.28 -5.35
CA ASN B 291 2.30 -8.64 -6.73
C ASN B 291 3.79 -8.53 -6.96
N ILE B 292 4.24 -9.08 -8.08
CA ILE B 292 5.63 -8.98 -8.52
C ILE B 292 5.66 -8.93 -10.04
N GLY B 293 6.44 -8.01 -10.60
CA GLY B 293 6.78 -8.04 -12.02
C GLY B 293 8.21 -8.55 -12.11
N TYR B 294 8.51 -9.40 -13.10
CA TYR B 294 9.85 -9.98 -13.19
C TYR B 294 10.31 -10.15 -14.64
N TRP B 295 11.60 -10.41 -14.80
CA TRP B 295 12.20 -10.69 -16.09
C TRP B 295 12.63 -12.14 -16.01
N ALA B 296 11.94 -13.02 -16.71
CA ALA B 296 12.23 -14.46 -16.61
C ALA B 296 13.00 -14.98 -17.82
N PHE B 297 13.96 -15.86 -17.57
CA PHE B 297 14.77 -16.45 -18.63
C PHE B 297 14.34 -17.87 -18.94
N ASN B 298 14.32 -18.22 -20.23
CA ASN B 298 14.08 -19.60 -20.63
C ASN B 298 15.32 -20.43 -20.31
N THR B 299 15.35 -21.03 -19.11
CA THR B 299 16.59 -21.62 -18.61
C THR B 299 17.01 -22.92 -19.29
N GLU B 300 16.21 -23.39 -20.26
CA GLU B 300 16.56 -24.58 -21.02
C GLU B 300 17.18 -24.23 -22.38
N ARG B 301 17.21 -22.94 -22.72
CA ARG B 301 17.75 -22.50 -24.00
C ARG B 301 19.07 -21.77 -23.81
N PRO B 302 20.16 -22.32 -24.38
CA PRO B 302 21.47 -21.65 -24.34
C PRO B 302 21.35 -20.28 -25.02
N PRO B 303 22.07 -19.26 -24.53
CA PRO B 303 22.98 -19.21 -23.36
C PRO B 303 22.31 -18.94 -22.01
N PHE B 304 20.99 -18.74 -22.00
CA PHE B 304 20.24 -18.49 -20.76
C PHE B 304 20.25 -19.66 -19.80
N ASP B 305 20.69 -20.82 -20.27
CA ASP B 305 20.84 -21.97 -19.39
C ASP B 305 22.10 -21.79 -18.54
N ASN B 306 22.85 -20.73 -18.81
CA ASN B 306 24.13 -20.49 -18.13
C ASN B 306 24.00 -19.41 -17.05
N LEU B 307 24.07 -19.82 -15.79
CA LEU B 307 23.89 -18.91 -14.66
C LEU B 307 24.76 -17.67 -14.84
N LYS B 308 25.98 -17.87 -15.33
CA LYS B 308 26.89 -16.77 -15.54
C LYS B 308 26.31 -15.73 -16.50
N VAL B 309 25.65 -16.19 -17.56
CA VAL B 309 25.00 -15.27 -18.51
C VAL B 309 23.77 -14.61 -17.88
N ARG B 310 22.97 -15.38 -17.14
CA ARG B 310 21.84 -14.78 -16.43
C ARG B 310 22.34 -13.71 -15.45
N GLN B 311 23.39 -14.02 -14.69
CA GLN B 311 23.98 -13.01 -13.82
C GLN B 311 24.41 -11.76 -14.58
N ALA B 312 25.13 -11.94 -15.69
CA ALA B 312 25.59 -10.79 -16.48
C ALA B 312 24.44 -9.92 -16.99
N LEU B 313 23.39 -10.56 -17.48
CA LEU B 313 22.29 -9.80 -18.09
C LEU B 313 21.56 -8.97 -17.02
N VAL B 314 21.50 -9.50 -15.80
CA VAL B 314 20.75 -8.81 -14.78
C VAL B 314 21.51 -7.58 -14.26
N HIS B 315 22.84 -7.60 -14.31
CA HIS B 315 23.63 -6.46 -13.85
C HIS B 315 23.62 -5.31 -14.85
N ALA B 316 23.18 -5.57 -16.07
CA ALA B 316 23.21 -4.54 -17.09
C ALA B 316 21.97 -3.64 -16.99
N ILE B 317 20.95 -4.11 -16.27
CA ILE B 317 19.68 -3.40 -16.21
C ILE B 317 19.64 -2.28 -15.16
N ASP B 318 19.46 -1.05 -15.64
CA ASP B 318 19.28 0.11 -14.78
C ASP B 318 17.86 0.15 -14.17
N ILE B 319 17.71 -0.51 -13.03
N ILE B 319 17.69 -0.50 -13.02
CA ILE B 319 16.42 -0.68 -12.37
CA ILE B 319 16.37 -0.66 -12.41
C ILE B 319 15.81 0.62 -11.85
C ILE B 319 15.80 0.65 -11.86
N GLU B 320 16.66 1.53 -11.37
CA GLU B 320 16.19 2.82 -10.85
C GLU B 320 15.56 3.65 -11.96
N LYS B 321 16.17 3.60 -13.15
CA LYS B 321 15.59 4.25 -14.32
C LYS B 321 14.17 3.72 -14.58
N ILE B 322 14.00 2.40 -14.53
CA ILE B 322 12.69 1.76 -14.73
C ILE B 322 11.67 2.19 -13.67
N MET B 323 12.10 2.25 -12.42
CA MET B 323 11.22 2.72 -11.35
C MET B 323 10.66 4.11 -11.66
N GLN B 324 11.51 4.99 -12.21
CA GLN B 324 11.11 6.36 -12.57
C GLN B 324 10.27 6.45 -13.85
N ALA B 325 10.75 5.85 -14.94
CA ALA B 325 10.14 6.04 -16.27
C ALA B 325 8.95 5.11 -16.55
N VAL B 326 8.98 3.90 -16.01
CA VAL B 326 7.88 2.97 -16.20
C VAL B 326 6.85 3.05 -15.08
N TYR B 327 7.33 3.00 -13.84
CA TYR B 327 6.43 3.02 -12.69
C TYR B 327 6.05 4.43 -12.20
N TYR B 328 6.64 5.46 -12.80
CA TYR B 328 6.31 6.86 -12.47
C TYR B 328 6.41 7.15 -10.99
N GLY B 329 7.39 6.55 -10.33
CA GLY B 329 7.54 6.73 -8.90
C GLY B 329 6.58 5.96 -8.02
N ASN B 330 5.61 5.24 -8.60
CA ASN B 330 4.60 4.55 -7.77
C ASN B 330 4.91 3.11 -7.37
N GLY B 331 5.90 2.49 -7.98
CA GLY B 331 6.22 1.12 -7.61
C GLY B 331 7.19 1.04 -6.44
N LEU B 332 7.44 -0.18 -5.99
CA LEU B 332 8.53 -0.43 -5.07
C LEU B 332 9.51 -1.32 -5.78
N ARG B 333 10.80 -1.12 -5.54
CA ARG B 333 11.82 -1.91 -6.20
C ARG B 333 11.82 -3.26 -5.51
N ALA B 334 11.96 -4.35 -6.25
CA ALA B 334 11.95 -5.67 -5.63
C ALA B 334 13.31 -6.00 -5.01
N ARG B 335 13.28 -6.71 -3.89
CA ARG B 335 14.48 -7.21 -3.22
C ARG B 335 14.34 -8.72 -3.02
N SER B 336 13.36 -9.28 -3.70
CA SER B 336 12.90 -10.65 -3.54
C SER B 336 11.74 -10.83 -4.50
N ILE B 337 11.36 -12.09 -4.75
CA ILE B 337 10.17 -12.36 -5.53
C ILE B 337 8.93 -11.94 -4.71
N LEU B 338 9.06 -11.96 -3.39
CA LEU B 338 7.95 -11.55 -2.54
C LEU B 338 7.93 -10.04 -2.40
N PRO B 339 6.72 -9.46 -2.42
CA PRO B 339 6.57 -8.05 -2.03
C PRO B 339 6.72 -7.94 -0.51
N PRO B 340 7.18 -6.77 -0.02
CA PRO B 340 7.42 -6.64 1.42
C PRO B 340 6.15 -6.68 2.28
N THR B 341 4.97 -6.61 1.67
CA THR B 341 3.72 -6.74 2.43
C THR B 341 3.29 -8.18 2.61
N SER B 342 4.12 -9.10 2.15
CA SER B 342 3.86 -10.52 2.37
C SER B 342 4.53 -10.90 3.66
N TRP B 343 3.86 -11.70 4.49
CA TRP B 343 4.44 -12.04 5.80
C TRP B 343 5.69 -12.92 5.74
N ALA B 344 5.98 -13.49 4.57
CA ALA B 344 7.15 -14.36 4.43
C ALA B 344 8.35 -13.64 3.80
N PHE B 345 8.16 -12.38 3.43
CA PHE B 345 9.19 -11.61 2.73
C PHE B 345 10.53 -11.54 3.45
N GLU B 346 11.61 -11.72 2.69
CA GLU B 346 12.93 -11.50 3.24
C GLU B 346 13.76 -10.88 2.13
N PRO B 347 14.25 -9.65 2.36
CA PRO B 347 15.09 -9.02 1.32
C PRO B 347 16.36 -9.83 1.12
N GLN B 348 16.77 -10.00 -0.12
CA GLN B 348 17.90 -10.84 -0.46
C GLN B 348 19.19 -10.03 -0.62
N LYS B 349 20.14 -10.27 0.27
CA LYS B 349 21.41 -9.53 0.29
C LYS B 349 22.22 -9.71 -0.99
N ASN B 350 22.00 -10.82 -1.68
CA ASN B 350 22.72 -11.06 -2.93
C ASN B 350 22.02 -10.50 -4.17
N MET B 351 20.89 -9.80 -3.97
CA MET B 351 20.20 -9.15 -5.10
C MET B 351 21.23 -8.41 -5.95
N PRO B 352 21.29 -8.75 -7.23
CA PRO B 352 22.14 -8.05 -8.20
C PRO B 352 21.79 -6.57 -8.25
N ILE B 353 22.81 -5.73 -8.34
CA ILE B 353 22.58 -4.31 -8.54
C ILE B 353 23.17 -3.84 -9.86
N PHE B 354 22.64 -2.73 -10.34
CA PHE B 354 23.07 -2.17 -11.60
C PHE B 354 24.58 -1.95 -11.57
N ASP B 355 25.29 -2.60 -12.47
CA ASP B 355 26.75 -2.48 -12.56
C ASP B 355 27.19 -2.97 -13.93
N PRO B 356 27.05 -2.11 -14.95
CA PRO B 356 27.29 -2.46 -16.36
C PRO B 356 28.69 -2.99 -16.60
N GLN B 357 29.65 -2.57 -15.80
CA GLN B 357 31.01 -3.03 -16.02
C GLN B 357 31.20 -4.45 -15.52
N LEU B 358 30.54 -4.79 -14.42
CA LEU B 358 30.55 -6.15 -13.90
C LEU B 358 29.83 -7.02 -14.91
N ALA B 359 28.77 -6.47 -15.49
CA ALA B 359 28.01 -7.17 -16.53
C ALA B 359 28.89 -7.57 -17.71
N LYS B 360 29.67 -6.62 -18.22
N LYS B 360 29.67 -6.62 -18.22
CA LYS B 360 30.56 -6.87 -19.35
CA LYS B 360 30.56 -6.88 -19.34
C LYS B 360 31.62 -7.91 -18.98
C LYS B 360 31.60 -7.92 -18.98
N LYS B 361 32.11 -7.83 -17.74
CA LYS B 361 33.10 -8.74 -17.25
C LYS B 361 32.52 -10.15 -17.17
N LEU B 362 31.30 -10.26 -16.66
CA LEU B 362 30.66 -11.57 -16.55
C LEU B 362 30.38 -12.17 -17.92
N LEU B 363 29.90 -11.35 -18.85
CA LEU B 363 29.67 -11.83 -20.19
C LEU B 363 30.98 -12.40 -20.71
N THR B 364 32.06 -11.68 -20.46
CA THR B 364 33.38 -12.08 -20.94
C THR B 364 33.90 -13.39 -20.32
N GLU B 365 33.76 -13.55 -19.01
CA GLU B 365 34.28 -14.73 -18.30
C GLU B 365 33.66 -16.04 -18.75
N ALA B 366 32.59 -15.93 -19.52
CA ALA B 366 32.00 -17.13 -20.04
C ALA B 366 30.87 -16.66 -20.86
N GLY B 367 31.14 -16.30 -22.13
CA GLY B 367 32.48 -16.23 -22.72
C GLY B 367 32.27 -15.41 -24.00
N TYR B 368 31.45 -14.38 -23.87
CA TYR B 368 31.00 -13.54 -24.98
C TYR B 368 31.69 -12.17 -24.92
N GLU B 369 32.48 -11.86 -25.95
CA GLU B 369 33.19 -10.59 -25.98
C GLU B 369 32.53 -9.67 -26.99
N LYS B 370 31.56 -10.22 -27.72
CA LYS B 370 30.85 -9.48 -28.76
C LYS B 370 29.36 -9.56 -28.53
N GLY B 371 28.97 -9.93 -27.30
CA GLY B 371 27.56 -10.04 -26.97
C GLY B 371 26.91 -11.17 -27.74
N PHE B 372 25.59 -11.08 -27.89
CA PHE B 372 24.83 -12.06 -28.62
C PHE B 372 23.46 -11.43 -28.86
N ASP B 373 22.62 -12.10 -29.64
CA ASP B 373 21.26 -11.63 -29.91
C ASP B 373 20.29 -12.33 -28.97
N MET B 374 19.23 -11.64 -28.57
CA MET B 374 18.20 -12.28 -27.77
C MET B 374 16.90 -11.54 -27.89
N SER B 375 15.80 -12.26 -27.63
CA SER B 375 14.50 -11.63 -27.60
C SER B 375 14.05 -11.32 -26.17
N ILE B 376 13.34 -10.22 -26.00
CA ILE B 376 12.62 -9.97 -24.76
C ILE B 376 11.16 -9.82 -25.15
N TRP B 377 10.34 -10.75 -24.67
CA TRP B 377 8.93 -10.72 -24.96
C TRP B 377 8.24 -9.77 -23.98
N ALA B 378 7.51 -8.80 -24.52
CA ALA B 378 6.87 -7.78 -23.71
C ALA B 378 5.36 -7.89 -23.79
N MET B 379 4.73 -7.88 -22.62
CA MET B 379 3.27 -7.89 -22.51
C MET B 379 2.61 -6.71 -23.23
N PRO B 380 1.55 -7.00 -23.98
CA PRO B 380 0.85 -5.97 -24.77
C PRO B 380 -0.10 -5.09 -23.93
N VAL B 381 -0.36 -5.47 -22.68
CA VAL B 381 -1.26 -4.68 -21.84
C VAL B 381 -0.66 -4.39 -20.48
N SER B 382 -1.25 -3.40 -19.84
CA SER B 382 -0.86 -2.91 -18.55
C SER B 382 -1.35 -3.89 -17.48
N ARG B 383 -0.45 -4.26 -16.56
CA ARG B 383 -0.77 -5.14 -15.44
C ARG B 383 -0.43 -4.40 -14.14
N ILE B 384 -0.98 -4.83 -13.02
CA ILE B 384 -0.62 -4.24 -11.74
C ILE B 384 0.89 -4.31 -11.51
N TYR B 385 1.49 -5.44 -11.85
CA TYR B 385 2.92 -5.62 -11.59
C TYR B 385 3.81 -4.93 -12.61
N ASN B 386 3.20 -4.36 -13.66
CA ASN B 386 3.95 -3.78 -14.77
C ASN B 386 3.06 -2.96 -15.70
N PRO B 387 3.06 -1.63 -15.50
CA PRO B 387 2.20 -0.71 -16.25
C PRO B 387 2.57 -0.58 -17.73
N ASN B 388 3.78 -0.95 -18.11
CA ASN B 388 4.21 -0.78 -19.51
C ASN B 388 5.39 -1.66 -19.88
N ALA B 389 5.12 -2.91 -20.20
CA ALA B 389 6.19 -3.87 -20.48
C ALA B 389 7.00 -3.46 -21.70
N ARG B 390 6.33 -2.84 -22.67
CA ARG B 390 6.98 -2.40 -23.90
C ARG B 390 8.02 -1.31 -23.64
N LYS B 391 7.64 -0.29 -22.88
CA LYS B 391 8.59 0.75 -22.50
C LYS B 391 9.74 0.15 -21.67
N MET B 392 9.41 -0.78 -20.77
CA MET B 392 10.43 -1.46 -20.00
C MET B 392 11.44 -2.20 -20.91
N ALA B 393 10.92 -2.97 -21.87
CA ALA B 393 11.76 -3.70 -22.81
C ALA B 393 12.68 -2.73 -23.59
N GLU B 394 12.11 -1.62 -24.05
CA GLU B 394 12.91 -0.58 -24.74
C GLU B 394 14.04 -0.01 -23.90
N LEU B 395 13.76 0.28 -22.64
CA LEU B 395 14.81 0.75 -21.73
C LEU B 395 15.88 -0.32 -21.50
N MET B 396 15.45 -1.58 -21.42
CA MET B 396 16.36 -2.71 -21.22
C MET B 396 17.18 -2.95 -22.48
N GLN B 397 16.52 -2.80 -23.63
CA GLN B 397 17.19 -2.96 -24.91
C GLN B 397 18.34 -1.98 -24.95
N SER B 398 18.06 -0.76 -24.54
CA SER B 398 19.04 0.30 -24.49
C SER B 398 20.18 -0.03 -23.52
N ASP B 399 19.84 -0.51 -22.33
CA ASP B 399 20.84 -0.90 -21.34
C ASP B 399 21.73 -2.04 -21.86
N LEU B 400 21.12 -3.02 -22.52
CA LEU B 400 21.81 -4.24 -22.90
C LEU B 400 22.72 -4.01 -24.11
N ARG B 401 22.29 -3.11 -24.98
CA ARG B 401 23.11 -2.72 -26.12
C ARG B 401 24.50 -2.25 -25.67
N LYS B 402 24.57 -1.68 -24.48
CA LYS B 402 25.85 -1.12 -24.00
C LYS B 402 26.85 -2.19 -23.58
N ILE B 403 26.36 -3.38 -23.24
CA ILE B 403 27.25 -4.50 -23.00
C ILE B 403 27.29 -5.43 -24.23
N GLY B 404 26.73 -4.94 -25.34
CA GLY B 404 26.82 -5.64 -26.62
C GLY B 404 25.73 -6.66 -26.89
N VAL B 405 24.71 -6.68 -26.06
CA VAL B 405 23.60 -7.60 -26.25
C VAL B 405 22.47 -6.93 -27.06
N ASN B 406 22.14 -7.54 -28.19
CA ASN B 406 21.19 -6.96 -29.13
C ASN B 406 19.78 -7.53 -28.96
N VAL B 407 18.89 -6.71 -28.42
CA VAL B 407 17.55 -7.16 -28.07
C VAL B 407 16.53 -6.99 -29.18
N ASN B 408 15.82 -8.08 -29.45
CA ASN B 408 14.67 -8.11 -30.33
C ASN B 408 13.41 -8.14 -29.44
N ILE B 409 12.56 -7.13 -29.55
CA ILE B 409 11.38 -7.07 -28.70
C ILE B 409 10.20 -7.80 -29.34
N VAL B 410 9.64 -8.77 -28.63
CA VAL B 410 8.49 -9.52 -29.17
C VAL B 410 7.20 -9.25 -28.38
N GLU B 411 6.12 -9.01 -29.12
CA GLU B 411 4.85 -8.61 -28.53
C GLU B 411 3.69 -9.14 -29.35
N TYR B 412 2.74 -9.79 -28.68
CA TYR B 412 1.54 -10.32 -29.34
C TYR B 412 0.34 -9.96 -28.51
N GLU B 413 -0.85 -10.19 -29.07
CA GLU B 413 -2.10 -10.03 -28.32
C GLU B 413 -2.05 -10.86 -27.04
N TRP B 414 -2.48 -10.24 -25.94
CA TRP B 414 -2.38 -10.79 -24.58
C TRP B 414 -2.59 -12.30 -24.44
N ASN B 415 -3.76 -12.81 -24.82
CA ASN B 415 -4.03 -14.23 -24.60
C ASN B 415 -3.14 -15.10 -25.49
N THR B 416 -2.81 -14.59 -26.67
CA THR B 416 -1.91 -15.29 -27.58
C THR B 416 -0.52 -15.33 -26.98
N PHE B 417 -0.12 -14.21 -26.37
CA PHE B 417 1.18 -14.03 -25.73
C PHE B 417 1.40 -15.06 -24.63
N ILE B 418 0.43 -15.12 -23.73
CA ILE B 418 0.44 -16.08 -22.64
C ILE B 418 0.54 -17.52 -23.16
N GLN B 419 -0.23 -17.82 -24.19
CA GLN B 419 -0.18 -19.12 -24.82
C GLN B 419 1.24 -19.45 -25.38
N ARG B 420 1.88 -18.48 -26.03
CA ARG B 420 3.21 -18.72 -26.58
C ARG B 420 4.30 -18.82 -25.51
N ILE B 421 4.10 -18.15 -24.38
CA ILE B 421 5.05 -18.30 -23.28
C ILE B 421 4.93 -19.69 -22.67
N GLY B 422 3.71 -20.22 -22.68
CA GLY B 422 3.48 -21.58 -22.23
C GLY B 422 4.14 -22.62 -23.14
N GLU B 423 4.32 -22.29 -24.40
CA GLU B 423 5.03 -23.17 -25.34
C GLU B 423 6.54 -22.91 -25.30
N HIS B 424 6.95 -22.03 -24.39
CA HIS B 424 8.32 -21.59 -24.20
C HIS B 424 9.04 -21.19 -25.50
N ARG B 425 8.35 -20.39 -26.31
CA ARG B 425 8.92 -19.89 -27.53
C ARG B 425 9.97 -18.80 -27.30
N HIS B 426 9.94 -18.19 -26.11
CA HIS B 426 10.75 -17.02 -25.80
C HIS B 426 12.15 -17.33 -25.28
N ASP B 427 13.10 -16.41 -25.51
CA ASP B 427 14.38 -16.41 -24.82
C ASP B 427 14.22 -15.83 -23.42
N SER B 428 13.45 -14.74 -23.31
CA SER B 428 13.15 -14.11 -22.03
C SER B 428 11.86 -13.28 -22.10
N VAL B 429 11.28 -12.99 -20.96
CA VAL B 429 9.95 -12.39 -20.93
C VAL B 429 9.72 -11.54 -19.71
N LEU B 430 9.08 -10.40 -19.93
CA LEU B 430 8.66 -9.52 -18.84
C LEU B 430 7.25 -9.91 -18.42
N LEU B 431 7.14 -10.75 -17.40
CA LEU B 431 5.85 -11.17 -16.91
C LEU B 431 5.70 -10.85 -15.43
N GLY B 432 4.83 -11.58 -14.74
CA GLY B 432 4.64 -11.35 -13.32
C GLY B 432 3.43 -12.06 -12.75
N TRP B 433 3.06 -11.68 -11.54
CA TRP B 433 1.96 -12.29 -10.83
C TRP B 433 1.30 -11.33 -9.86
N ALA B 434 -0.03 -11.25 -9.92
CA ALA B 434 -0.83 -10.54 -8.93
C ALA B 434 -1.45 -11.59 -8.04
N ALA B 435 -1.06 -11.61 -6.77
CA ALA B 435 -1.46 -12.65 -5.84
C ALA B 435 -2.97 -12.85 -5.80
N ASP B 436 -3.38 -14.12 -5.67
CA ASP B 436 -4.79 -14.49 -5.52
C ASP B 436 -5.19 -14.49 -4.03
N THR B 437 -4.22 -14.68 -3.15
CA THR B 437 -4.47 -14.73 -1.71
C THR B 437 -3.27 -14.16 -0.95
N PRO B 438 -3.44 -13.88 0.35
CA PRO B 438 -2.28 -13.43 1.13
C PRO B 438 -1.41 -14.60 1.58
N ASP B 439 -1.67 -15.81 1.11
CA ASP B 439 -0.80 -16.93 1.46
C ASP B 439 0.44 -16.92 0.57
N PRO B 440 1.63 -16.85 1.16
CA PRO B 440 2.90 -16.76 0.41
C PRO B 440 3.07 -17.86 -0.63
N ASP B 441 2.54 -19.05 -0.38
CA ASP B 441 2.74 -20.12 -1.34
C ASP B 441 2.24 -19.71 -2.73
N ASN B 442 1.29 -18.78 -2.74
CA ASN B 442 0.67 -18.30 -3.98
C ASN B 442 1.68 -17.62 -4.92
N PHE B 443 2.83 -17.24 -4.38
CA PHE B 443 3.92 -16.65 -5.17
C PHE B 443 4.98 -17.68 -5.61
N PHE B 444 4.90 -18.89 -5.11
CA PHE B 444 5.95 -19.85 -5.40
C PHE B 444 5.41 -20.98 -6.24
N SER B 445 4.43 -21.72 -5.70
CA SER B 445 3.90 -22.86 -6.42
C SER B 445 3.37 -22.55 -7.83
N PRO B 446 2.57 -21.49 -7.99
CA PRO B 446 2.06 -21.19 -9.34
C PRO B 446 3.08 -20.58 -10.28
N LEU B 447 4.24 -20.18 -9.78
CA LEU B 447 5.25 -19.54 -10.60
C LEU B 447 6.43 -20.43 -11.00
N LEU B 448 7.05 -21.09 -10.02
CA LEU B 448 8.36 -21.68 -10.25
C LEU B 448 8.49 -23.17 -9.94
N SER B 449 7.40 -23.79 -9.50
CA SER B 449 7.43 -25.21 -9.17
C SER B 449 7.43 -26.06 -10.45
N CYS B 450 7.83 -27.32 -10.30
CA CYS B 450 7.85 -28.27 -11.42
C CYS B 450 6.49 -28.46 -12.08
N THR B 451 5.42 -28.58 -11.28
CA THR B 451 4.10 -28.74 -11.87
C THR B 451 3.58 -27.48 -12.58
N ALA B 452 4.06 -26.30 -12.16
CA ALA B 452 3.73 -25.09 -12.88
C ALA B 452 4.36 -25.16 -14.26
N THR B 453 5.59 -25.67 -14.31
CA THR B 453 6.32 -25.82 -15.55
C THR B 453 5.59 -26.77 -16.49
N PHE B 454 5.26 -27.96 -15.98
CA PHE B 454 4.57 -28.99 -16.75
C PHE B 454 3.18 -28.59 -17.20
N SER B 455 2.60 -27.56 -16.58
CA SER B 455 1.32 -27.06 -17.00
C SER B 455 1.47 -25.81 -17.83
N GLY B 456 2.72 -25.43 -18.14
CA GLY B 456 3.00 -24.31 -19.01
C GLY B 456 2.84 -22.90 -18.44
N LYS B 457 2.99 -22.74 -17.12
CA LYS B 457 2.84 -21.44 -16.47
C LYS B 457 4.11 -21.00 -15.72
N ASN B 458 5.19 -21.72 -15.93
CA ASN B 458 6.48 -21.32 -15.39
C ASN B 458 7.27 -20.68 -16.50
N PRO B 459 7.29 -19.34 -16.55
CA PRO B 459 7.93 -18.66 -17.69
C PRO B 459 9.46 -18.81 -17.70
N ALA B 460 10.05 -19.34 -16.63
CA ALA B 460 11.50 -19.60 -16.61
C ALA B 460 11.85 -21.03 -17.09
N ASN B 461 10.83 -21.83 -17.36
CA ASN B 461 11.06 -23.18 -17.89
C ASN B 461 12.02 -23.93 -16.96
N TRP B 462 11.73 -23.84 -15.66
CA TRP B 462 12.69 -24.15 -14.61
C TRP B 462 12.04 -25.09 -13.62
N CYS B 463 12.53 -26.32 -13.60
CA CYS B 463 12.07 -27.29 -12.64
C CYS B 463 13.25 -27.70 -11.78
N ASN B 464 13.21 -27.28 -10.52
CA ASN B 464 14.27 -27.56 -9.57
C ASN B 464 13.71 -28.26 -8.35
N PRO B 465 13.94 -29.58 -8.24
CA PRO B 465 13.34 -30.45 -7.21
C PRO B 465 13.68 -29.99 -5.79
N GLU B 466 14.84 -29.36 -5.63
CA GLU B 466 15.28 -28.87 -4.31
C GLU B 466 14.48 -27.64 -3.91
N PHE B 467 14.09 -26.86 -4.90
CA PHE B 467 13.18 -25.75 -4.68
C PHE B 467 11.81 -26.31 -4.28
N ASP B 468 11.32 -27.30 -5.03
CA ASP B 468 10.00 -27.86 -4.76
C ASP B 468 9.88 -28.47 -3.37
N LEU B 469 10.98 -28.99 -2.86
CA LEU B 469 11.01 -29.59 -1.53
C LEU B 469 10.80 -28.52 -0.45
N LEU B 470 11.41 -27.35 -0.65
CA LEU B 470 11.23 -26.23 0.29
C LEU B 470 9.76 -25.83 0.37
N LEU B 471 9.08 -25.80 -0.77
CA LEU B 471 7.68 -25.42 -0.82
C LEU B 471 6.79 -26.46 -0.19
N THR B 472 7.14 -27.73 -0.38
CA THR B 472 6.37 -28.81 0.25
C THR B 472 6.53 -28.75 1.77
N LYS B 473 7.75 -28.57 2.23
CA LYS B 473 7.97 -28.40 3.66
C LYS B 473 7.21 -27.20 4.23
N ALA B 474 7.20 -26.08 3.49
CA ALA B 474 6.46 -24.92 3.96
C ALA B 474 4.94 -25.19 4.09
N LEU B 475 4.42 -26.16 3.34
CA LEU B 475 2.99 -26.46 3.41
C LEU B 475 2.69 -27.55 4.44
N ASP B 476 3.73 -28.19 4.96
CA ASP B 476 3.58 -29.31 5.87
C ASP B 476 3.37 -28.83 7.31
N THR B 477 3.46 -27.51 7.50
CA THR B 477 3.33 -26.91 8.82
C THR B 477 2.46 -25.66 8.76
N THR B 478 1.66 -25.45 9.81
CA THR B 478 0.82 -24.27 9.92
C THR B 478 1.50 -23.15 10.71
N ASP B 479 2.60 -23.50 11.40
CA ASP B 479 3.34 -22.51 12.19
C ASP B 479 4.03 -21.47 11.28
N LEU B 480 3.60 -20.22 11.38
CA LEU B 480 4.09 -19.14 10.50
C LEU B 480 5.60 -18.98 10.49
N ASN B 481 6.21 -19.09 11.66
CA ASN B 481 7.64 -18.89 11.78
C ASN B 481 8.41 -19.99 11.07
N LEU B 482 7.85 -21.20 11.14
CA LEU B 482 8.47 -22.34 10.49
C LEU B 482 8.23 -22.26 8.99
N ARG B 483 7.03 -21.83 8.60
CA ARG B 483 6.72 -21.59 7.21
C ARG B 483 7.69 -20.55 6.65
N LYS B 484 7.91 -19.46 7.41
CA LYS B 484 8.80 -18.41 6.91
C LYS B 484 10.25 -18.87 6.71
N GLN B 485 10.73 -19.78 7.57
CA GLN B 485 12.08 -20.31 7.43
C GLN B 485 12.28 -20.95 6.05
N TYR B 486 11.32 -21.76 5.62
CA TYR B 486 11.36 -22.36 4.28
C TYR B 486 11.19 -21.36 3.14
N TYR B 487 10.27 -20.40 3.28
CA TYR B 487 10.14 -19.36 2.27
C TYR B 487 11.37 -18.46 2.15
N ASP B 488 12.10 -18.30 3.26
CA ASP B 488 13.37 -17.57 3.23
C ASP B 488 14.39 -18.31 2.37
N ALA B 489 14.46 -19.63 2.57
CA ALA B 489 15.36 -20.47 1.81
C ALA B 489 14.99 -20.46 0.31
N ALA B 490 13.70 -20.41 0.02
CA ALA B 490 13.25 -20.43 -1.39
C ALA B 490 13.53 -19.09 -2.07
N GLN B 491 13.30 -18.00 -1.34
CA GLN B 491 13.62 -16.67 -1.86
C GLN B 491 15.10 -16.58 -2.18
N SER B 492 15.92 -17.14 -1.30
CA SER B 492 17.36 -17.09 -1.47
C SER B 492 17.81 -17.95 -2.68
N MET B 493 17.17 -19.10 -2.86
CA MET B 493 17.44 -19.95 -4.02
C MET B 493 17.12 -19.24 -5.34
N ILE B 494 16.01 -18.52 -5.39
CA ILE B 494 15.64 -17.82 -6.63
C ILE B 494 16.69 -16.77 -7.00
N ILE B 495 17.16 -16.02 -6.02
CA ILE B 495 18.18 -15.01 -6.28
C ILE B 495 19.55 -15.63 -6.59
N GLU B 496 19.84 -16.78 -5.99
CA GLU B 496 21.08 -17.47 -6.27
C GLU B 496 21.10 -18.04 -7.69
N GLN B 497 19.98 -18.65 -8.11
CA GLN B 497 19.93 -19.32 -9.40
C GLN B 497 19.42 -18.42 -10.53
N LEU B 498 18.79 -17.31 -10.17
CA LEU B 498 18.15 -16.42 -11.17
C LEU B 498 17.38 -17.15 -12.29
N PRO B 499 16.43 -18.03 -11.94
CA PRO B 499 15.55 -18.48 -13.00
C PRO B 499 14.75 -17.30 -13.57
N LEU B 500 14.44 -16.35 -12.68
CA LEU B 500 13.85 -15.10 -13.09
C LEU B 500 14.41 -14.03 -12.19
N TYR B 501 14.27 -12.77 -12.61
CA TYR B 501 14.83 -11.63 -11.91
C TYR B 501 13.71 -10.69 -11.45
N PRO B 502 13.48 -10.57 -10.13
CA PRO B 502 12.38 -9.73 -9.67
C PRO B 502 12.72 -8.29 -9.98
N ILE B 503 11.76 -7.56 -10.53
CA ILE B 503 12.03 -6.18 -10.92
C ILE B 503 11.39 -5.20 -9.94
N ALA B 504 10.09 -5.36 -9.69
CA ALA B 504 9.30 -4.35 -8.99
C ALA B 504 7.93 -4.84 -8.55
N HIS B 505 7.36 -4.15 -7.57
CA HIS B 505 5.99 -4.36 -7.14
C HIS B 505 5.19 -3.10 -7.44
N GLY B 506 4.00 -3.26 -8.02
CA GLY B 506 3.21 -2.12 -8.40
C GLY B 506 2.05 -1.81 -7.48
N MET B 507 1.52 -0.60 -7.62
CA MET B 507 0.29 -0.20 -6.97
C MET B 507 -0.88 -0.59 -7.86
N ARG B 508 -2.02 -0.90 -7.24
CA ARG B 508 -3.19 -1.28 -7.99
C ARG B 508 -4.02 -0.05 -8.26
N PHE B 509 -4.07 0.36 -9.52
CA PHE B 509 -4.80 1.55 -9.92
C PHE B 509 -6.08 1.17 -10.62
N GLN B 510 -7.10 2.01 -10.51
CA GLN B 510 -8.31 1.88 -11.30
C GLN B 510 -8.91 3.27 -11.39
N ALA B 511 -9.62 3.56 -12.48
CA ALA B 511 -10.35 4.82 -12.60
C ALA B 511 -11.84 4.56 -12.78
N SER B 512 -12.67 5.42 -12.22
CA SER B 512 -14.10 5.23 -12.34
C SER B 512 -14.84 6.55 -12.24
N SER B 513 -15.98 6.62 -12.93
CA SER B 513 -16.87 7.74 -12.82
C SER B 513 -17.18 7.97 -11.33
N ALA B 514 -17.26 9.23 -10.95
CA ALA B 514 -17.48 9.61 -9.55
C ALA B 514 -18.87 9.21 -9.06
N ASP B 515 -19.77 8.83 -9.97
CA ASP B 515 -21.07 8.34 -9.55
C ASP B 515 -21.15 6.82 -9.33
N VAL B 516 -20.07 6.08 -9.55
CA VAL B 516 -20.13 4.66 -9.18
C VAL B 516 -19.46 4.39 -7.83
N GLU B 517 -20.02 3.46 -7.07
CA GLU B 517 -19.45 3.07 -5.79
C GLU B 517 -19.61 1.56 -5.64
N GLY B 518 -19.03 1.00 -4.59
CA GLY B 518 -19.25 -0.40 -4.28
C GLY B 518 -18.28 -1.37 -4.94
N ILE B 519 -17.35 -0.87 -5.74
CA ILE B 519 -16.36 -1.75 -6.38
C ILE B 519 -15.26 -2.13 -5.38
N THR B 520 -14.85 -3.39 -5.41
CA THR B 520 -13.76 -3.83 -4.54
C THR B 520 -12.52 -4.24 -5.33
N LEU B 521 -11.37 -3.73 -4.92
CA LEU B 521 -10.10 -4.09 -5.52
C LEU B 521 -9.37 -5.04 -4.59
N GLY B 522 -8.66 -4.46 -3.61
CA GLY B 522 -7.99 -5.25 -2.59
C GLY B 522 -6.53 -5.53 -2.84
N PRO B 523 -5.84 -5.95 -1.77
CA PRO B 523 -4.43 -6.30 -1.83
C PRO B 523 -4.15 -7.65 -2.53
N PHE B 524 -5.21 -8.41 -2.81
CA PHE B 524 -5.10 -9.66 -3.56
C PHE B 524 -6.43 -9.94 -4.25
N GLY B 525 -6.44 -10.83 -5.23
CA GLY B 525 -7.68 -11.26 -5.86
C GLY B 525 -8.21 -10.38 -6.98
N ALA B 526 -9.19 -10.92 -7.70
CA ALA B 526 -9.79 -10.25 -8.85
C ALA B 526 -10.72 -9.12 -8.45
N ILE B 527 -10.98 -8.21 -9.39
CA ILE B 527 -11.95 -7.14 -9.18
C ILE B 527 -13.33 -7.71 -8.89
N SER B 528 -14.10 -7.04 -8.05
CA SER B 528 -15.49 -7.41 -7.86
C SER B 528 -16.46 -6.28 -8.14
N LEU B 529 -17.44 -6.57 -8.99
CA LEU B 529 -18.52 -5.63 -9.27
C LEU B 529 -19.81 -6.12 -8.62
N ALA B 530 -19.71 -7.16 -7.79
CA ALA B 530 -20.90 -7.74 -7.15
C ALA B 530 -21.73 -6.69 -6.41
N ASN B 531 -21.05 -5.79 -5.71
CA ASN B 531 -21.72 -4.69 -4.99
C ASN B 531 -21.73 -3.34 -5.72
N ALA B 532 -21.25 -3.30 -6.96
CA ALA B 532 -21.13 -2.04 -7.71
C ALA B 532 -22.48 -1.37 -7.97
N ARG B 533 -22.53 -0.04 -7.89
CA ARG B 533 -23.77 0.67 -8.12
C ARG B 533 -23.53 2.13 -8.47
N LYS B 534 -24.55 2.78 -8.99
CA LYS B 534 -24.46 4.21 -9.27
C LYS B 534 -25.15 5.09 -8.22
N LYS B 535 -24.67 6.33 -8.10
CA LYS B 535 -25.12 7.34 -7.14
C LYS B 535 -24.05 7.62 -6.07
N MET C . 4.83 14.05 10.63
CA MET C . 3.89 14.11 11.73
C MET C . 4.09 12.98 12.73
O MET C . 4.30 11.84 12.36
CB MET C . 2.46 14.06 11.22
CG MET C . 1.92 15.43 10.82
SD MET C . 0.44 15.35 9.78
CE MET C . -0.27 13.78 10.25
N LEU D . 3.99 13.32 14.01
CA LEU D . 3.98 12.31 15.06
C LEU D . 2.60 11.67 15.06
O LEU D . 1.61 12.36 14.78
CB LEU D . 4.22 12.99 16.41
CG LEU D . 5.63 13.05 17.01
CD1 LEU D . 6.71 13.03 15.95
CD2 LEU D . 5.77 14.26 17.94
OXT LEU D . 2.43 10.48 15.34
C1 GOL E . -6.82 7.27 10.81
O1 GOL E . -8.16 6.90 10.99
C2 GOL E . -6.68 8.77 10.77
O2 GOL E . -7.95 9.42 10.68
C3 GOL E . -5.84 8.98 9.50
O3 GOL E . -4.73 8.13 9.52
N MET F . -2.69 -14.53 -10.21
CA MET F . -3.14 -14.55 -11.59
C MET F . -2.28 -13.67 -12.49
O MET F . -1.60 -12.76 -12.02
CB MET F . -4.62 -14.15 -11.66
CG MET F . -4.89 -12.71 -11.32
SD MET F . -6.63 -12.49 -10.87
CE MET F . -6.77 -10.70 -11.05
N LEU G . -2.27 -13.97 -13.78
CA LEU G . -1.45 -13.24 -14.72
C LEU G . -2.06 -11.86 -14.96
O LEU G . -1.37 -10.85 -15.18
CB LEU G . -1.36 -14.01 -16.03
CG LEU G . -0.14 -14.87 -16.36
CD1 LEU G . 0.59 -15.32 -15.12
CD2 LEU G . -0.52 -16.07 -17.24
OXT LEU G . -3.28 -11.74 -14.94
C1 GOL H . -7.39 -3.35 -11.03
O1 GOL H . -6.55 -4.45 -10.78
C2 GOL H . -7.56 -3.24 -12.53
O2 GOL H . -8.90 -3.48 -12.91
C3 GOL H . -7.14 -1.85 -12.91
O3 GOL H . -8.22 -0.97 -12.75
#